data_3SIU
#
_entry.id   3SIU
#
_cell.length_a   49.499
_cell.length_b   111.263
_cell.length_c   110.858
_cell.angle_alpha   90.00
_cell.angle_beta   101.81
_cell.angle_gamma   90.00
#
_symmetry.space_group_name_H-M   'P 1 21 1'
#
loop_
_entity.id
_entity.type
_entity.pdbx_description
1 polymer 'NHP2-like protein 1'
2 polymer 'U4/U6 small nuclear ribonucleoprotein Prp31'
3 polymer 'U4atac snRNA'
4 non-polymer 'SULFATE ION'
5 water water
#
loop_
_entity_poly.entity_id
_entity_poly.type
_entity_poly.pdbx_seq_one_letter_code
_entity_poly.pdbx_strand_id
1 'polypeptide(L)'
;GSMTEADVNPKAYPLADAHLTKKLLDLVQQSCNYKQLRKGANEATKTLNRGISEFIVMAADAEPLEIILHLPLLCEDKNV
PYVFVRSKQALGRACGVSRPVIACSVTIKEGSQLKQQIQSIQQSIERLLV
;
A,D
2 'polypeptide(L)'
;GPLGSEAAPEYRVIVDANNLTVEIENELNIIHKFIRDKYSKRFPELESLVPNALDYIRTVKELGNSLDKCKNNENLQQIL
TNATIMVVSVTASTTQGQQLSEEELERLEEACDMALELNASKHRIYEYVESRMSFIAPNLSIIIGASTAAKIMGVAGGLT
NLSKMPACNIMLLGAQRKTLSGFSSTSVLPHTGYIYHSDIVQSLPPDLRRKAARLVAAKCTLAARVDSFHESTEGKVGYE
LKDEIERKFDKWQE
;
B,E
3 'polyribonucleotide' CUGUCCAAUGAGCGCAUAGUGAGGGCAG C,F
#
loop_
_chem_comp.id
_chem_comp.type
_chem_comp.name
_chem_comp.formula
A RNA linking ADENOSINE-5'-MONOPHOSPHATE 'C10 H14 N5 O7 P'
C RNA linking CYTIDINE-5'-MONOPHOSPHATE 'C9 H14 N3 O8 P'
G RNA linking GUANOSINE-5'-MONOPHOSPHATE 'C10 H14 N5 O8 P'
SO4 non-polymer 'SULFATE ION' 'O4 S -2'
U RNA linking URIDINE-5'-MONOPHOSPHATE 'C9 H13 N2 O9 P'
#
# COMPACT_ATOMS: atom_id res chain seq x y z
N ALA A 6 -27.37 -12.79 -49.32
CA ALA A 6 -27.70 -13.14 -47.94
C ALA A 6 -27.48 -11.96 -46.97
N ASP A 7 -28.01 -12.10 -45.76
CA ASP A 7 -27.94 -11.04 -44.78
C ASP A 7 -26.60 -11.01 -44.04
N VAL A 8 -26.17 -9.80 -43.69
CA VAL A 8 -24.96 -9.59 -42.91
C VAL A 8 -25.38 -8.92 -41.61
N ASN A 9 -24.62 -9.11 -40.55
CA ASN A 9 -24.87 -8.36 -39.32
C ASN A 9 -25.11 -6.91 -39.70
N PRO A 10 -26.26 -6.34 -39.28
CA PRO A 10 -26.51 -4.92 -39.53
C PRO A 10 -25.33 -4.04 -39.12
N LYS A 11 -24.60 -4.45 -38.09
CA LYS A 11 -23.49 -3.68 -37.54
C LYS A 11 -22.29 -3.55 -38.48
N ALA A 12 -22.06 -4.54 -39.35
CA ALA A 12 -21.05 -4.37 -40.39
C ALA A 12 -21.51 -3.33 -41.41
N TYR A 13 -21.38 -2.04 -41.06
CA TYR A 13 -21.76 -0.93 -41.93
C TYR A 13 -20.54 -0.02 -42.16
N PRO A 14 -20.36 0.47 -43.38
CA PRO A 14 -21.12 0.22 -44.61
C PRO A 14 -20.52 -0.94 -45.40
N LEU A 15 -21.37 -1.85 -45.87
CA LEU A 15 -20.93 -3.01 -46.62
C LEU A 15 -20.77 -2.70 -48.11
N ALA A 16 -19.69 -3.18 -48.72
CA ALA A 16 -19.49 -2.92 -50.13
C ALA A 16 -20.27 -3.92 -50.96
N ASP A 17 -20.95 -3.43 -52.00
CA ASP A 17 -21.63 -4.33 -52.92
C ASP A 17 -20.59 -5.13 -53.71
N ALA A 18 -21.03 -5.94 -54.65
CA ALA A 18 -20.10 -6.81 -55.36
C ALA A 18 -19.10 -6.05 -56.23
N HIS A 19 -19.49 -4.89 -56.74
CA HIS A 19 -18.60 -4.11 -57.57
C HIS A 19 -17.48 -3.45 -56.76
N LEU A 20 -17.87 -2.75 -55.69
CA LEU A 20 -16.90 -2.08 -54.84
C LEU A 20 -16.00 -3.13 -54.22
N THR A 21 -16.58 -4.25 -53.85
CA THR A 21 -15.83 -5.37 -53.32
C THR A 21 -14.68 -5.77 -54.26
N LYS A 22 -14.95 -5.86 -55.56
CA LYS A 22 -13.89 -6.21 -56.48
C LYS A 22 -12.77 -5.18 -56.46
N LYS A 23 -13.12 -3.89 -56.45
CA LYS A 23 -12.13 -2.82 -56.57
C LYS A 23 -11.23 -2.74 -55.35
N LEU A 24 -11.86 -2.63 -54.18
CA LEU A 24 -11.24 -2.83 -52.89
C LEU A 24 -10.24 -3.98 -52.89
N LEU A 25 -10.69 -5.20 -53.13
CA LEU A 25 -9.77 -6.32 -53.06
C LEU A 25 -8.64 -6.23 -54.11
N ASP A 26 -8.89 -5.58 -55.24
CA ASP A 26 -7.84 -5.39 -56.21
C ASP A 26 -6.80 -4.45 -55.64
N LEU A 27 -7.29 -3.32 -55.12
CA LEU A 27 -6.43 -2.28 -54.59
C LEU A 27 -5.67 -2.77 -53.37
N VAL A 28 -6.28 -3.66 -52.59
CA VAL A 28 -5.60 -4.24 -51.46
C VAL A 28 -4.48 -5.13 -51.96
N GLN A 29 -4.79 -5.91 -52.98
CA GLN A 29 -3.80 -6.79 -53.55
C GLN A 29 -2.63 -6.00 -54.12
N GLN A 30 -2.89 -4.84 -54.71
CA GLN A 30 -1.84 -4.02 -55.28
C GLN A 30 -0.99 -3.37 -54.20
N SER A 31 -1.63 -3.11 -53.07
CA SER A 31 -1.00 -2.45 -51.95
C SER A 31 -0.11 -3.44 -51.24
N CYS A 32 -0.50 -4.70 -51.31
CA CYS A 32 0.31 -5.75 -50.74
C CYS A 32 1.61 -5.82 -51.54
N ASN A 33 1.50 -5.58 -52.84
CA ASN A 33 2.64 -5.62 -53.75
C ASN A 33 3.54 -4.41 -53.59
N TYR A 34 2.92 -3.25 -53.53
CA TYR A 34 3.66 -2.02 -53.27
C TYR A 34 4.12 -1.84 -51.83
N LYS A 35 3.82 -2.81 -50.97
CA LYS A 35 4.19 -2.69 -49.55
C LYS A 35 3.54 -1.54 -48.78
N GLN A 36 2.31 -1.14 -49.11
CA GLN A 36 1.58 -0.17 -48.29
C GLN A 36 0.40 -0.86 -47.62
N LEU A 37 0.63 -2.07 -47.13
CA LEU A 37 -0.47 -2.84 -46.62
C LEU A 37 -0.14 -3.43 -45.26
N ARG A 38 -0.96 -3.15 -44.24
CA ARG A 38 -0.80 -3.80 -42.95
C ARG A 38 -1.97 -4.72 -42.73
N LYS A 39 -1.71 -5.96 -42.31
CA LYS A 39 -2.76 -6.97 -42.24
C LYS A 39 -2.99 -7.52 -40.84
N GLY A 40 -4.22 -7.37 -40.35
CA GLY A 40 -4.61 -7.86 -39.04
C GLY A 40 -5.23 -6.75 -38.24
N ALA A 41 -6.25 -7.05 -37.45
CA ALA A 41 -6.89 -6.01 -36.67
C ALA A 41 -5.85 -5.23 -35.83
N ASN A 42 -4.98 -5.96 -35.14
CA ASN A 42 -3.87 -5.37 -34.37
C ASN A 42 -3.03 -4.34 -35.13
N GLU A 43 -2.45 -4.75 -36.26
CA GLU A 43 -1.65 -3.83 -37.03
C GLU A 43 -2.45 -2.69 -37.65
N ALA A 44 -3.73 -2.93 -37.91
CA ALA A 44 -4.56 -1.86 -38.46
C ALA A 44 -4.81 -0.82 -37.39
N THR A 45 -4.99 -1.28 -36.15
CA THR A 45 -5.17 -0.37 -35.03
C THR A 45 -3.96 0.53 -34.95
N LYS A 46 -2.76 -0.05 -34.93
CA LYS A 46 -1.53 0.75 -34.90
C LYS A 46 -1.52 1.86 -35.96
N THR A 47 -1.79 1.52 -37.21
CA THR A 47 -1.72 2.53 -38.27
C THR A 47 -2.65 3.69 -38.01
N LEU A 48 -3.76 3.45 -37.34
CA LEU A 48 -4.71 4.51 -36.99
C LEU A 48 -4.17 5.39 -35.86
N ASN A 49 -3.70 4.77 -34.78
CA ASN A 49 -3.10 5.52 -33.68
C ASN A 49 -1.88 6.31 -34.16
N ARG A 50 -1.13 5.76 -35.09
CA ARG A 50 0.06 6.44 -35.62
C ARG A 50 -0.26 7.52 -36.62
N GLY A 51 -1.43 7.44 -37.27
CA GLY A 51 -1.84 8.45 -38.23
C GLY A 51 -1.29 8.22 -39.63
N ILE A 52 -1.15 6.96 -40.02
CA ILE A 52 -0.56 6.62 -41.31
C ILE A 52 -1.51 5.70 -42.10
N SER A 53 -2.80 5.92 -41.96
CA SER A 53 -3.74 5.07 -42.65
C SER A 53 -4.47 5.81 -43.75
N GLU A 54 -4.45 5.23 -44.95
CA GLU A 54 -5.25 5.75 -46.05
C GLU A 54 -6.72 5.42 -45.86
N PHE A 55 -7.02 4.12 -45.70
CA PHE A 55 -8.38 3.67 -45.40
C PHE A 55 -8.35 2.27 -44.79
N ILE A 56 -9.47 1.86 -44.19
CA ILE A 56 -9.55 0.57 -43.52
C ILE A 56 -10.62 -0.32 -44.15
N VAL A 57 -10.31 -1.62 -44.26
CA VAL A 57 -11.20 -2.62 -44.84
C VAL A 57 -11.37 -3.75 -43.84
N MET A 58 -12.62 -4.13 -43.55
CA MET A 58 -12.86 -5.20 -42.59
C MET A 58 -13.81 -6.28 -43.14
N ALA A 59 -13.70 -7.48 -42.59
CA ALA A 59 -14.52 -8.61 -43.00
C ALA A 59 -15.77 -8.66 -42.13
N ALA A 60 -16.96 -8.62 -42.75
CA ALA A 60 -18.17 -8.72 -41.94
C ALA A 60 -18.35 -10.17 -41.52
N ASP A 61 -17.43 -11.01 -41.98
CA ASP A 61 -17.36 -12.41 -41.63
C ASP A 61 -16.87 -12.64 -40.19
N ALA A 62 -16.16 -11.66 -39.63
CA ALA A 62 -15.44 -11.80 -38.35
C ALA A 62 -16.32 -12.15 -37.14
N GLU A 63 -16.02 -13.27 -36.47
CA GLU A 63 -16.83 -13.69 -35.34
C GLU A 63 -16.01 -13.81 -34.01
N PRO A 64 -16.48 -13.16 -32.94
CA PRO A 64 -17.57 -12.17 -32.77
C PRO A 64 -17.27 -10.90 -33.54
N LEU A 65 -18.24 -10.30 -34.24
CA LEU A 65 -17.97 -9.04 -34.92
C LEU A 65 -17.30 -8.00 -34.00
N GLU A 66 -17.55 -8.08 -32.70
CA GLU A 66 -17.04 -7.04 -31.79
C GLU A 66 -15.49 -6.92 -31.80
N ILE A 67 -14.81 -8.00 -32.17
CA ILE A 67 -13.36 -8.02 -32.21
C ILE A 67 -12.75 -7.05 -33.21
N ILE A 68 -13.55 -6.48 -34.08
CA ILE A 68 -13.04 -5.40 -34.94
C ILE A 68 -13.86 -4.14 -34.88
N LEU A 69 -14.80 -4.06 -33.95
CA LEU A 69 -15.68 -2.90 -33.97
C LEU A 69 -15.06 -1.63 -33.42
N HIS A 70 -13.88 -1.70 -32.81
CA HIS A 70 -13.21 -0.49 -32.32
C HIS A 70 -12.65 0.34 -33.48
N LEU A 71 -12.33 -0.35 -34.57
CA LEU A 71 -11.80 0.30 -35.76
C LEU A 71 -12.67 1.45 -36.30
N PRO A 72 -13.98 1.22 -36.50
CA PRO A 72 -14.77 2.34 -37.02
C PRO A 72 -14.76 3.52 -36.07
N LEU A 73 -14.53 3.25 -34.79
CA LEU A 73 -14.52 4.30 -33.79
C LEU A 73 -13.23 5.11 -33.90
N LEU A 74 -12.09 4.41 -33.85
CA LEU A 74 -10.80 5.04 -34.11
C LEU A 74 -10.87 5.84 -35.41
N CYS A 75 -11.43 5.23 -36.44
CA CYS A 75 -11.57 5.86 -37.75
C CYS A 75 -12.36 7.14 -37.68
N GLU A 76 -13.54 7.07 -37.08
CA GLU A 76 -14.38 8.26 -37.04
C GLU A 76 -13.60 9.43 -36.44
N ASP A 77 -12.91 9.17 -35.33
CA ASP A 77 -12.10 10.17 -34.68
C ASP A 77 -11.01 10.73 -35.62
N LYS A 78 -10.23 9.83 -36.24
CA LYS A 78 -9.10 10.24 -37.07
C LYS A 78 -9.49 10.67 -38.49
N ASN A 79 -10.78 10.54 -38.81
CA ASN A 79 -11.29 10.89 -40.13
C ASN A 79 -10.70 10.03 -41.24
N VAL A 80 -10.72 8.73 -41.01
CA VAL A 80 -10.25 7.75 -41.97
C VAL A 80 -11.43 6.89 -42.48
N PRO A 81 -11.56 6.77 -43.81
CA PRO A 81 -12.59 5.92 -44.40
C PRO A 81 -12.39 4.46 -44.02
N TYR A 82 -13.52 3.79 -43.75
CA TYR A 82 -13.57 2.38 -43.47
C TYR A 82 -14.74 1.73 -44.18
N VAL A 83 -14.54 0.51 -44.66
CA VAL A 83 -15.56 -0.19 -45.40
C VAL A 83 -15.57 -1.64 -44.98
N PHE A 84 -16.64 -2.33 -45.30
CA PHE A 84 -16.72 -3.75 -45.02
C PHE A 84 -16.81 -4.51 -46.34
N VAL A 85 -16.29 -5.72 -46.34
CA VAL A 85 -16.57 -6.74 -47.36
C VAL A 85 -17.08 -7.97 -46.63
N ARG A 86 -17.68 -8.89 -47.36
CA ARG A 86 -18.43 -9.98 -46.76
C ARG A 86 -17.50 -11.06 -46.22
N SER A 87 -16.39 -11.30 -46.93
CA SER A 87 -15.61 -12.50 -46.69
C SER A 87 -14.18 -12.32 -46.17
N LYS A 88 -13.93 -12.83 -44.98
CA LYS A 88 -12.61 -12.76 -44.39
C LYS A 88 -11.62 -13.72 -45.07
N GLN A 89 -12.12 -14.77 -45.73
CA GLN A 89 -11.23 -15.66 -46.50
C GLN A 89 -10.78 -14.93 -47.75
N ALA A 90 -11.71 -14.18 -48.33
CA ALA A 90 -11.45 -13.38 -49.49
C ALA A 90 -10.45 -12.28 -49.18
N LEU A 91 -10.62 -11.62 -48.04
CA LEU A 91 -9.69 -10.57 -47.65
C LEU A 91 -8.32 -11.20 -47.48
N GLY A 92 -8.28 -12.34 -46.79
CA GLY A 92 -7.04 -13.05 -46.60
C GLY A 92 -6.27 -13.17 -47.89
N ARG A 93 -6.91 -13.74 -48.91
CA ARG A 93 -6.27 -13.95 -50.21
C ARG A 93 -5.74 -12.66 -50.81
N ALA A 94 -6.45 -11.55 -50.61
CA ALA A 94 -5.99 -10.30 -51.21
C ALA A 94 -4.77 -9.73 -50.46
N CYS A 95 -4.58 -10.20 -49.23
CA CYS A 95 -3.46 -9.80 -48.38
C CYS A 95 -2.28 -10.76 -48.52
N GLY A 96 -2.32 -11.64 -49.52
CA GLY A 96 -1.28 -12.62 -49.73
C GLY A 96 -1.34 -13.82 -48.79
N VAL A 97 -2.31 -13.83 -47.89
CA VAL A 97 -2.32 -14.83 -46.82
C VAL A 97 -3.26 -16.02 -47.04
N SER A 98 -2.77 -17.22 -46.73
CA SER A 98 -3.59 -18.41 -46.87
C SER A 98 -4.68 -18.44 -45.81
N ARG A 99 -4.58 -17.53 -44.84
CA ARG A 99 -5.49 -17.53 -43.69
C ARG A 99 -6.47 -16.36 -43.75
N PRO A 100 -7.59 -16.50 -43.05
CA PRO A 100 -8.57 -15.41 -43.09
C PRO A 100 -8.03 -14.16 -42.39
N VAL A 101 -8.38 -13.00 -42.93
CA VAL A 101 -7.91 -11.75 -42.41
C VAL A 101 -9.13 -10.86 -42.23
N ILE A 102 -9.41 -10.50 -40.97
CA ILE A 102 -10.61 -9.75 -40.61
C ILE A 102 -10.48 -8.24 -40.65
N ALA A 103 -9.27 -7.73 -40.70
CA ALA A 103 -9.09 -6.30 -40.90
C ALA A 103 -7.77 -6.07 -41.56
N CYS A 104 -7.62 -4.92 -42.19
CA CYS A 104 -6.37 -4.59 -42.81
C CYS A 104 -6.37 -3.11 -43.13
N SER A 105 -5.19 -2.54 -43.33
CA SER A 105 -5.06 -1.09 -43.50
C SER A 105 -4.15 -0.76 -44.67
N VAL A 106 -4.62 0.10 -45.56
CA VAL A 106 -3.76 0.60 -46.60
C VAL A 106 -3.11 1.86 -46.07
N THR A 107 -1.80 1.81 -45.96
CA THR A 107 -1.05 2.85 -45.30
C THR A 107 -0.57 3.91 -46.27
N ILE A 108 -0.31 5.11 -45.76
CA ILE A 108 0.27 6.16 -46.56
C ILE A 108 1.71 5.81 -47.00
N LYS A 109 2.03 6.11 -48.25
CA LYS A 109 3.38 5.91 -48.80
C LYS A 109 3.80 7.09 -49.66
N GLU A 110 5.10 7.35 -49.67
CA GLU A 110 5.64 8.58 -50.24
C GLU A 110 5.71 8.44 -51.75
N GLY A 111 5.12 9.43 -52.42
CA GLY A 111 4.98 9.42 -53.87
C GLY A 111 4.36 8.14 -54.40
N SER A 112 3.27 7.69 -53.81
CA SER A 112 2.73 6.39 -54.23
C SER A 112 2.19 6.42 -55.66
N GLN A 113 2.56 5.44 -56.46
CA GLN A 113 1.93 5.23 -57.75
C GLN A 113 0.44 4.98 -57.54
N LEU A 114 0.12 4.29 -56.46
CA LEU A 114 -1.26 3.98 -56.08
C LEU A 114 -2.08 5.20 -55.60
N LYS A 115 -1.50 6.40 -55.60
CA LYS A 115 -2.21 7.55 -55.04
C LYS A 115 -3.59 7.76 -55.67
N GLN A 116 -3.64 7.85 -57.00
CA GLN A 116 -4.89 8.15 -57.72
C GLN A 116 -5.95 7.11 -57.45
N GLN A 117 -5.54 5.85 -57.46
CA GLN A 117 -6.44 4.75 -57.16
C GLN A 117 -6.92 4.80 -55.71
N ILE A 118 -6.01 5.11 -54.79
CA ILE A 118 -6.36 5.27 -53.38
C ILE A 118 -7.39 6.39 -53.23
N GLN A 119 -7.06 7.59 -53.71
CA GLN A 119 -7.99 8.72 -53.69
C GLN A 119 -9.38 8.31 -54.20
N SER A 120 -9.43 7.60 -55.34
CA SER A 120 -10.69 7.13 -55.91
C SER A 120 -11.50 6.20 -54.99
N ILE A 121 -10.82 5.21 -54.41
CA ILE A 121 -11.41 4.31 -53.44
C ILE A 121 -11.91 5.06 -52.19
N GLN A 122 -11.09 5.96 -51.67
CA GLN A 122 -11.51 6.81 -50.57
C GLN A 122 -12.86 7.46 -50.89
N GLN A 123 -12.94 8.20 -52.00
CA GLN A 123 -14.21 8.84 -52.39
C GLN A 123 -15.43 7.90 -52.41
N SER A 124 -15.29 6.74 -53.07
CA SER A 124 -16.35 5.73 -53.09
C SER A 124 -16.85 5.38 -51.71
N ILE A 125 -15.92 5.24 -50.75
CA ILE A 125 -16.25 4.83 -49.39
C ILE A 125 -16.92 5.97 -48.65
N GLU A 126 -16.45 7.18 -48.88
CA GLU A 126 -17.05 8.36 -48.26
C GLU A 126 -18.49 8.50 -48.72
N ARG A 127 -18.77 8.08 -49.96
CA ARG A 127 -20.12 8.07 -50.50
C ARG A 127 -21.06 7.16 -49.70
N LEU A 128 -20.58 5.96 -49.37
CA LEU A 128 -21.40 4.99 -48.63
C LEU A 128 -21.74 5.43 -47.20
N LEU A 129 -21.02 6.43 -46.68
CA LEU A 129 -21.22 6.88 -45.30
C LEU A 129 -22.32 7.95 -45.19
N VAL A 130 -23.51 7.50 -44.78
CA VAL A 130 -24.69 8.37 -44.69
C VAL A 130 -25.50 8.06 -43.43
N ALA B 7 -16.69 11.54 -14.51
CA ALA B 7 -15.76 10.94 -13.55
C ALA B 7 -16.47 9.96 -12.61
N ALA B 8 -15.78 9.58 -11.54
CA ALA B 8 -16.21 8.52 -10.62
C ALA B 8 -16.46 7.17 -11.31
N PRO B 9 -15.65 6.84 -12.33
CA PRO B 9 -15.90 5.57 -13.01
C PRO B 9 -15.68 4.41 -12.03
N GLU B 10 -16.53 3.41 -12.07
CA GLU B 10 -16.44 2.34 -11.09
C GLU B 10 -15.12 1.60 -11.20
N TYR B 11 -14.57 1.50 -12.41
CA TYR B 11 -13.34 0.74 -12.53
C TYR B 11 -12.20 1.28 -11.64
N ARG B 12 -12.09 2.60 -11.49
CA ARG B 12 -11.02 3.08 -10.67
C ARG B 12 -11.23 2.68 -9.20
N VAL B 13 -12.48 2.64 -8.76
CA VAL B 13 -12.76 2.11 -7.44
C VAL B 13 -12.23 0.67 -7.30
N ILE B 14 -12.60 -0.20 -8.23
CA ILE B 14 -12.14 -1.59 -8.20
C ILE B 14 -10.63 -1.75 -8.35
N VAL B 15 -10.00 -0.98 -9.23
CA VAL B 15 -8.55 -0.99 -9.30
C VAL B 15 -7.95 -0.76 -7.91
N ASP B 16 -8.44 0.25 -7.20
CA ASP B 16 -7.82 0.58 -5.93
C ASP B 16 -8.19 -0.39 -4.84
N ALA B 17 -9.41 -0.90 -4.89
CA ALA B 17 -9.76 -1.95 -3.98
C ALA B 17 -8.83 -3.14 -4.22
N ASN B 18 -8.61 -3.49 -5.48
CA ASN B 18 -7.74 -4.63 -5.77
C ASN B 18 -6.28 -4.42 -5.28
N ASN B 19 -5.79 -3.19 -5.32
CA ASN B 19 -4.46 -2.88 -4.81
C ASN B 19 -4.33 -3.08 -3.29
N LEU B 20 -5.32 -2.60 -2.56
CA LEU B 20 -5.40 -2.85 -1.11
C LEU B 20 -5.12 -4.30 -0.83
N THR B 21 -5.85 -5.16 -1.52
CA THR B 21 -5.66 -6.58 -1.42
C THR B 21 -4.20 -7.00 -1.44
N VAL B 22 -3.37 -6.34 -2.24
CA VAL B 22 -1.95 -6.70 -2.33
C VAL B 22 -1.19 -6.22 -1.11
N GLU B 23 -1.52 -5.01 -0.67
CA GLU B 23 -0.94 -4.47 0.55
C GLU B 23 -1.30 -5.32 1.77
N ILE B 24 -2.52 -5.86 1.80
CA ILE B 24 -2.95 -6.68 2.93
C ILE B 24 -2.31 -8.05 2.89
N GLU B 25 -2.10 -8.58 1.69
CA GLU B 25 -1.35 -9.81 1.51
C GLU B 25 0.07 -9.66 2.05
N ASN B 26 0.73 -8.55 1.71
CA ASN B 26 2.08 -8.28 2.19
C ASN B 26 2.16 -8.24 3.72
N GLU B 27 1.30 -7.43 4.34
CA GLU B 27 1.31 -7.29 5.81
C GLU B 27 0.97 -8.61 6.49
N LEU B 28 0.04 -9.36 5.90
CA LEU B 28 -0.28 -10.70 6.41
C LEU B 28 0.89 -11.64 6.33
N ASN B 29 1.70 -11.52 5.28
CA ASN B 29 2.88 -12.35 5.16
C ASN B 29 3.85 -12.00 6.28
N ILE B 30 4.10 -10.71 6.46
CA ILE B 30 4.97 -10.20 7.51
C ILE B 30 4.49 -10.63 8.90
N ILE B 31 3.19 -10.53 9.16
CA ILE B 31 2.69 -10.91 10.48
C ILE B 31 2.90 -12.40 10.70
N HIS B 32 2.71 -13.20 9.65
CA HIS B 32 2.87 -14.64 9.78
C HIS B 32 4.30 -14.97 10.22
N LYS B 33 5.25 -14.35 9.54
CA LYS B 33 6.68 -14.49 9.84
C LYS B 33 6.96 -14.10 11.29
N PHE B 34 6.48 -12.94 11.70
CA PHE B 34 6.55 -12.51 13.08
C PHE B 34 5.97 -13.56 14.02
N ILE B 35 4.73 -13.98 13.77
CA ILE B 35 4.02 -14.90 14.67
C ILE B 35 4.69 -16.25 14.77
N ARG B 36 5.25 -16.72 13.66
CA ARG B 36 6.03 -17.93 13.63
C ARG B 36 7.24 -17.78 14.55
N ASP B 37 7.95 -16.68 14.40
CA ASP B 37 9.17 -16.45 15.17
C ASP B 37 8.91 -16.36 16.66
N LYS B 38 7.90 -15.60 17.04
CA LYS B 38 7.54 -15.43 18.44
C LYS B 38 7.11 -16.75 19.10
N TYR B 39 6.29 -17.53 18.40
CA TYR B 39 5.75 -18.78 18.94
C TYR B 39 6.75 -19.91 18.85
N SER B 40 7.85 -19.67 18.13
CA SER B 40 8.93 -20.64 18.00
C SER B 40 9.38 -21.22 19.34
N LYS B 41 9.32 -20.43 20.41
CA LYS B 41 9.81 -20.89 21.69
C LYS B 41 8.82 -21.85 22.35
N ARG B 42 7.53 -21.54 22.26
CA ARG B 42 6.52 -22.45 22.81
C ARG B 42 6.49 -23.81 22.08
N PHE B 43 6.52 -23.78 20.76
CA PHE B 43 6.31 -24.99 19.97
C PHE B 43 7.03 -24.85 18.63
N PRO B 44 8.34 -25.04 18.64
CA PRO B 44 9.23 -24.85 17.49
C PRO B 44 8.95 -25.73 16.27
N GLU B 45 8.40 -26.92 16.47
CA GLU B 45 8.23 -27.89 15.40
C GLU B 45 6.98 -27.65 14.53
N LEU B 46 6.09 -26.78 15.00
CA LEU B 46 4.78 -26.65 14.38
C LEU B 46 4.83 -26.09 12.96
N GLU B 47 5.61 -25.03 12.77
CA GLU B 47 5.68 -24.41 11.45
C GLU B 47 5.91 -25.43 10.32
N SER B 48 6.78 -26.39 10.58
CA SER B 48 7.05 -27.48 9.63
C SER B 48 5.83 -28.34 9.41
N LEU B 49 4.97 -28.46 10.41
CA LEU B 49 3.77 -29.29 10.29
C LEU B 49 2.57 -28.58 9.64
N VAL B 50 2.40 -27.30 9.90
CA VAL B 50 1.31 -26.55 9.27
C VAL B 50 1.88 -25.50 8.32
N PRO B 51 1.96 -25.84 7.03
CA PRO B 51 2.60 -25.08 5.96
C PRO B 51 1.81 -23.84 5.56
N ASN B 52 0.48 -23.94 5.58
CA ASN B 52 -0.37 -22.82 5.26
C ASN B 52 -0.34 -21.76 6.36
N ALA B 53 0.12 -20.56 6.01
CA ALA B 53 0.21 -19.46 6.95
C ALA B 53 -1.04 -19.26 7.80
N LEU B 54 -2.18 -19.07 7.15
CA LEU B 54 -3.41 -18.83 7.89
C LEU B 54 -3.80 -20.01 8.79
N ASP B 55 -3.60 -21.23 8.30
CA ASP B 55 -3.87 -22.39 9.12
C ASP B 55 -2.98 -22.35 10.34
N TYR B 56 -1.69 -22.08 10.14
CA TYR B 56 -0.72 -21.95 11.23
C TYR B 56 -1.14 -20.95 12.30
N ILE B 57 -1.54 -19.74 11.87
CA ILE B 57 -1.94 -18.68 12.79
C ILE B 57 -3.20 -19.01 13.59
N ARG B 58 -4.15 -19.68 12.94
CA ARG B 58 -5.38 -20.12 13.56
C ARG B 58 -5.06 -21.21 14.55
N THR B 59 -4.11 -22.05 14.19
CA THR B 59 -3.69 -23.15 15.05
C THR B 59 -3.01 -22.61 16.31
N VAL B 60 -2.08 -21.66 16.12
CA VAL B 60 -1.42 -21.00 17.24
C VAL B 60 -2.43 -20.34 18.17
N LYS B 61 -3.31 -19.53 17.61
CA LYS B 61 -4.35 -18.91 18.43
C LYS B 61 -5.11 -19.96 19.24
N GLU B 62 -5.43 -21.09 18.62
CA GLU B 62 -6.16 -22.15 19.33
C GLU B 62 -5.33 -22.78 20.44
N LEU B 63 -4.14 -23.27 20.10
CA LEU B 63 -3.28 -23.96 21.07
C LEU B 63 -2.88 -23.09 22.28
N GLY B 64 -2.19 -21.98 22.00
CA GLY B 64 -1.77 -21.07 23.05
C GLY B 64 -0.56 -21.56 23.83
N ASN B 65 -0.64 -21.45 25.16
CA ASN B 65 0.46 -21.88 26.03
C ASN B 65 0.44 -23.37 26.32
N SER B 66 -0.73 -24.01 26.27
CA SER B 66 -0.81 -25.44 26.57
C SER B 66 -0.97 -26.34 25.33
N LEU B 67 0.12 -27.03 24.98
CA LEU B 67 0.15 -27.90 23.82
C LEU B 67 -0.55 -29.21 24.06
N ASP B 68 -0.35 -29.80 25.23
CA ASP B 68 -0.92 -31.10 25.55
C ASP B 68 -2.42 -31.15 25.22
N LYS B 69 -2.92 -32.35 24.91
CA LYS B 69 -4.32 -32.59 24.55
C LYS B 69 -4.83 -31.91 23.28
N CYS B 70 -3.94 -31.36 22.46
CA CYS B 70 -4.37 -30.59 21.29
C CYS B 70 -5.39 -31.34 20.43
N LYS B 71 -5.14 -32.63 20.22
CA LYS B 71 -6.03 -33.47 19.41
C LYS B 71 -7.49 -33.43 19.89
N ASN B 72 -7.68 -33.33 21.20
CA ASN B 72 -9.00 -33.40 21.81
C ASN B 72 -9.86 -32.19 21.49
N ASN B 73 -9.20 -31.09 21.16
CA ASN B 73 -9.90 -29.86 20.83
C ASN B 73 -10.83 -30.00 19.61
N GLU B 74 -12.05 -29.50 19.74
CA GLU B 74 -13.08 -29.65 18.71
C GLU B 74 -13.10 -28.53 17.66
N ASN B 75 -12.34 -27.47 17.92
CA ASN B 75 -12.28 -26.31 17.02
C ASN B 75 -11.06 -26.41 16.11
N LEU B 76 -10.01 -27.01 16.66
CA LEU B 76 -8.78 -27.33 15.94
C LEU B 76 -9.05 -28.41 14.91
N GLN B 77 -10.01 -29.27 15.22
CA GLN B 77 -10.46 -30.28 14.28
C GLN B 77 -11.09 -29.58 13.07
N GLN B 78 -11.64 -28.39 13.31
CA GLN B 78 -12.24 -27.60 12.24
C GLN B 78 -11.20 -26.96 11.33
N ILE B 79 -9.96 -26.84 11.81
CA ILE B 79 -8.93 -26.10 11.09
C ILE B 79 -7.98 -26.98 10.29
N LEU B 80 -7.54 -28.08 10.89
CA LEU B 80 -6.57 -28.99 10.27
C LEU B 80 -7.18 -30.36 9.96
N THR B 81 -6.52 -31.09 9.06
CA THR B 81 -6.90 -32.47 8.75
C THR B 81 -6.59 -33.37 9.92
N ASN B 82 -7.36 -34.43 10.09
CA ASN B 82 -7.15 -35.30 11.24
C ASN B 82 -5.75 -35.91 11.27
N ALA B 83 -5.24 -36.30 10.11
CA ALA B 83 -3.88 -36.81 10.01
C ALA B 83 -2.89 -35.80 10.59
N THR B 84 -2.95 -34.57 10.10
CA THR B 84 -2.14 -33.49 10.63
C THR B 84 -2.34 -33.25 12.13
N ILE B 85 -3.58 -33.20 12.61
CA ILE B 85 -3.85 -32.97 14.02
C ILE B 85 -3.08 -33.98 14.85
N MET B 86 -3.07 -35.22 14.37
CA MET B 86 -2.42 -36.31 15.08
C MET B 86 -0.89 -36.24 15.07
N VAL B 87 -0.32 -35.80 13.94
CA VAL B 87 1.11 -35.61 13.83
C VAL B 87 1.56 -34.49 14.76
N VAL B 88 0.83 -33.36 14.76
CA VAL B 88 1.20 -32.26 15.66
C VAL B 88 1.04 -32.64 17.14
N SER B 89 -0.03 -33.36 17.46
CA SER B 89 -0.30 -33.78 18.83
C SER B 89 0.86 -34.63 19.39
N VAL B 90 1.30 -35.57 18.58
CA VAL B 90 2.43 -36.43 18.90
C VAL B 90 3.74 -35.63 19.02
N THR B 91 3.86 -34.57 18.20
CA THR B 91 5.06 -33.74 18.16
C THR B 91 5.05 -32.77 19.32
N ALA B 92 3.86 -32.48 19.82
CA ALA B 92 3.69 -31.59 20.95
C ALA B 92 4.22 -32.25 22.20
N SER B 93 3.93 -33.54 22.35
CA SER B 93 4.31 -34.27 23.54
C SER B 93 5.82 -34.33 23.75
N THR B 94 6.58 -34.04 22.69
CA THR B 94 8.03 -34.12 22.76
C THR B 94 8.70 -32.84 22.30
N THR B 95 7.92 -31.76 22.20
CA THR B 95 8.46 -30.46 21.81
C THR B 95 9.49 -29.98 22.81
N GLN B 96 10.55 -29.34 22.32
CA GLN B 96 11.52 -28.73 23.21
C GLN B 96 11.37 -27.22 23.22
N GLY B 97 10.28 -26.77 23.83
CA GLY B 97 10.01 -25.36 24.01
C GLY B 97 9.29 -25.14 25.31
N GLN B 98 9.50 -23.97 25.92
CA GLN B 98 8.94 -23.72 27.25
C GLN B 98 7.69 -22.88 27.17
N GLN B 99 6.83 -23.01 28.17
CA GLN B 99 5.65 -22.19 28.27
C GLN B 99 6.03 -20.72 28.12
N LEU B 100 5.08 -19.93 27.64
CA LEU B 100 5.30 -18.50 27.42
C LEU B 100 4.89 -17.69 28.66
N SER B 101 5.50 -16.52 28.83
CA SER B 101 5.08 -15.58 29.86
C SER B 101 3.68 -15.05 29.54
N GLU B 102 2.92 -14.73 30.58
CA GLU B 102 1.63 -14.07 30.40
C GLU B 102 1.71 -12.97 29.36
N GLU B 103 2.82 -12.24 29.35
CA GLU B 103 2.90 -11.05 28.51
C GLU B 103 3.19 -11.41 27.07
N GLU B 104 4.15 -12.30 26.85
CA GLU B 104 4.40 -12.80 25.51
C GLU B 104 3.16 -13.57 24.94
N LEU B 105 2.49 -14.39 25.76
CA LEU B 105 1.25 -15.04 25.32
C LEU B 105 0.22 -13.99 24.88
N GLU B 106 0.01 -12.97 25.70
CA GLU B 106 -0.97 -11.92 25.42
C GLU B 106 -0.69 -11.10 24.15
N ARG B 107 0.57 -10.79 23.88
CA ARG B 107 0.95 -10.06 22.68
C ARG B 107 0.85 -10.94 21.44
N LEU B 108 1.09 -12.24 21.62
CA LEU B 108 0.95 -13.19 20.53
C LEU B 108 -0.50 -13.28 20.11
N GLU B 109 -1.40 -13.44 21.07
CA GLU B 109 -2.83 -13.47 20.84
C GLU B 109 -3.35 -12.19 20.18
N GLU B 110 -2.76 -11.06 20.52
CA GLU B 110 -3.20 -9.77 20.03
C GLU B 110 -2.93 -9.64 18.54
N ALA B 111 -1.75 -10.08 18.12
CA ALA B 111 -1.37 -10.08 16.73
C ALA B 111 -2.07 -11.21 15.91
N CYS B 112 -2.44 -12.28 16.58
CA CYS B 112 -3.19 -13.33 15.91
C CYS B 112 -4.57 -12.78 15.58
N ASP B 113 -5.19 -12.13 16.55
CA ASP B 113 -6.47 -11.48 16.31
C ASP B 113 -6.36 -10.44 15.20
N MET B 114 -5.31 -9.65 15.24
CA MET B 114 -5.08 -8.65 14.22
C MET B 114 -5.09 -9.34 12.86
N ALA B 115 -4.36 -10.44 12.76
CA ALA B 115 -4.16 -11.09 11.48
C ALA B 115 -5.46 -11.67 10.90
N LEU B 116 -6.26 -12.35 11.74
CA LEU B 116 -7.52 -12.89 11.27
C LEU B 116 -8.50 -11.79 10.84
N GLU B 117 -8.48 -10.65 11.52
CA GLU B 117 -9.33 -9.54 11.14
C GLU B 117 -8.91 -8.98 9.81
N LEU B 118 -7.60 -8.89 9.62
CA LEU B 118 -7.03 -8.48 8.35
C LEU B 118 -7.47 -9.40 7.22
N ASN B 119 -7.49 -10.69 7.53
CA ASN B 119 -7.75 -11.71 6.53
C ASN B 119 -9.20 -11.67 6.07
N ALA B 120 -10.11 -11.52 7.04
CA ALA B 120 -11.52 -11.39 6.77
C ALA B 120 -11.79 -10.19 5.86
N SER B 121 -11.18 -9.05 6.15
CA SER B 121 -11.30 -7.90 5.28
C SER B 121 -10.68 -8.18 3.92
N LYS B 122 -9.58 -8.92 3.92
CA LYS B 122 -8.99 -9.26 2.64
C LYS B 122 -10.02 -10.01 1.80
N HIS B 123 -10.70 -10.99 2.40
CA HIS B 123 -11.66 -11.77 1.66
C HIS B 123 -12.83 -10.92 1.22
N ARG B 124 -13.32 -10.08 2.11
CA ARG B 124 -14.41 -9.20 1.77
C ARG B 124 -14.10 -8.36 0.52
N ILE B 125 -12.86 -7.90 0.41
CA ILE B 125 -12.45 -7.13 -0.77
C ILE B 125 -12.27 -8.01 -2.02
N TYR B 126 -11.60 -9.14 -1.87
CA TYR B 126 -11.47 -10.06 -2.98
C TYR B 126 -12.84 -10.33 -3.62
N GLU B 127 -13.83 -10.68 -2.81
CA GLU B 127 -15.19 -10.86 -3.28
C GLU B 127 -15.71 -9.66 -4.06
N TYR B 128 -15.47 -8.45 -3.54
CA TYR B 128 -16.06 -7.25 -4.11
C TYR B 128 -15.47 -7.00 -5.50
N VAL B 129 -14.16 -7.13 -5.59
CA VAL B 129 -13.43 -7.07 -6.85
C VAL B 129 -13.94 -8.12 -7.85
N GLU B 130 -14.19 -9.35 -7.39
CA GLU B 130 -14.65 -10.41 -8.29
C GLU B 130 -16.00 -10.05 -8.88
N SER B 131 -16.97 -9.81 -8.00
CA SER B 131 -18.30 -9.40 -8.40
C SER B 131 -18.28 -8.22 -9.36
N ARG B 132 -17.63 -7.12 -9.01
CA ARG B 132 -17.72 -5.96 -9.87
C ARG B 132 -17.00 -6.17 -11.20
N MET B 133 -15.84 -6.82 -11.17
CA MET B 133 -15.12 -7.15 -12.40
C MET B 133 -15.93 -8.04 -13.31
N SER B 134 -16.63 -9.01 -12.74
CA SER B 134 -17.43 -9.88 -13.58
C SER B 134 -18.50 -9.04 -14.25
N PHE B 135 -18.91 -7.96 -13.61
CA PHE B 135 -19.84 -7.05 -14.26
C PHE B 135 -19.22 -6.06 -15.25
N ILE B 136 -18.00 -5.58 -14.97
CA ILE B 136 -17.36 -4.55 -15.80
C ILE B 136 -16.68 -5.10 -17.05
N ALA B 137 -16.21 -6.33 -16.99
CA ALA B 137 -15.54 -6.98 -18.09
C ALA B 137 -15.69 -8.47 -17.88
N PRO B 138 -16.92 -8.99 -17.98
CA PRO B 138 -17.25 -10.41 -17.75
C PRO B 138 -16.31 -11.35 -18.48
N ASN B 139 -16.09 -11.09 -19.76
CA ASN B 139 -15.26 -11.98 -20.57
C ASN B 139 -13.78 -11.89 -20.23
N LEU B 140 -13.25 -10.68 -20.12
CA LEU B 140 -11.86 -10.48 -19.70
C LEU B 140 -11.61 -11.22 -18.37
N SER B 141 -12.36 -10.85 -17.35
CA SER B 141 -12.29 -11.51 -16.05
C SER B 141 -12.17 -13.04 -16.17
N ILE B 142 -13.12 -13.67 -16.84
CA ILE B 142 -13.08 -15.12 -17.04
C ILE B 142 -11.72 -15.67 -17.51
N ILE B 143 -11.01 -14.91 -18.33
CA ILE B 143 -9.75 -15.40 -18.87
C ILE B 143 -8.60 -15.26 -17.86
N ILE B 144 -8.43 -14.08 -17.27
CA ILE B 144 -7.27 -13.85 -16.41
C ILE B 144 -7.57 -13.66 -14.93
N GLY B 145 -8.86 -13.69 -14.58
CA GLY B 145 -9.30 -13.48 -13.22
C GLY B 145 -9.62 -12.02 -13.02
N ALA B 146 -10.55 -11.73 -12.12
CA ALA B 146 -10.93 -10.35 -11.82
C ALA B 146 -9.68 -9.50 -11.56
N SER B 147 -8.84 -9.97 -10.64
CA SER B 147 -7.67 -9.23 -10.19
C SER B 147 -6.74 -8.78 -11.34
N THR B 148 -6.22 -9.71 -12.13
CA THR B 148 -5.30 -9.31 -13.18
C THR B 148 -6.02 -8.37 -14.12
N ALA B 149 -7.27 -8.70 -14.42
CA ALA B 149 -8.08 -7.87 -15.28
C ALA B 149 -8.14 -6.45 -14.75
N ALA B 150 -8.39 -6.31 -13.45
CA ALA B 150 -8.40 -4.96 -12.85
C ALA B 150 -7.04 -4.28 -12.99
N LYS B 151 -5.97 -5.04 -12.82
CA LYS B 151 -4.65 -4.43 -12.99
C LYS B 151 -4.49 -3.87 -14.40
N ILE B 152 -4.71 -4.69 -15.41
CA ILE B 152 -4.51 -4.18 -16.76
C ILE B 152 -5.48 -3.05 -17.13
N MET B 153 -6.68 -3.06 -16.56
CA MET B 153 -7.61 -1.93 -16.75
C MET B 153 -7.12 -0.63 -16.11
N GLY B 154 -6.60 -0.72 -14.89
CA GLY B 154 -6.11 0.46 -14.19
C GLY B 154 -5.01 1.19 -14.95
N VAL B 155 -4.03 0.45 -15.42
CA VAL B 155 -2.92 1.01 -16.18
C VAL B 155 -3.42 1.60 -17.50
N ALA B 156 -4.34 0.88 -18.15
CA ALA B 156 -4.83 1.28 -19.45
C ALA B 156 -5.74 2.49 -19.36
N GLY B 157 -6.40 2.64 -18.22
CA GLY B 157 -7.29 3.76 -18.04
C GLY B 157 -8.69 3.45 -18.50
N GLY B 158 -9.15 2.23 -18.28
CA GLY B 158 -10.52 1.90 -18.58
C GLY B 158 -10.73 0.95 -19.75
N LEU B 159 -11.94 0.39 -19.80
CA LEU B 159 -12.24 -0.66 -20.78
C LEU B 159 -12.14 -0.14 -22.21
N THR B 160 -12.50 1.11 -22.42
CA THR B 160 -12.44 1.62 -23.78
C THR B 160 -11.01 1.89 -24.23
N ASN B 161 -10.18 2.44 -23.35
CA ASN B 161 -8.78 2.69 -23.70
C ASN B 161 -7.96 1.42 -23.88
N LEU B 162 -8.38 0.36 -23.21
CA LEU B 162 -7.77 -0.95 -23.31
C LEU B 162 -8.07 -1.62 -24.65
N SER B 163 -9.31 -1.46 -25.10
CA SER B 163 -9.78 -2.08 -26.35
C SER B 163 -9.12 -1.45 -27.57
N LYS B 164 -8.81 -0.16 -27.50
CA LYS B 164 -8.13 0.54 -28.57
C LYS B 164 -6.65 0.23 -28.60
N MET B 165 -6.22 -0.77 -27.82
CA MET B 165 -4.84 -1.19 -27.80
C MET B 165 -4.63 -2.50 -28.52
N PRO B 166 -3.51 -2.61 -29.23
CA PRO B 166 -3.13 -3.87 -29.89
C PRO B 166 -2.62 -4.85 -28.86
N ALA B 167 -2.80 -6.16 -29.12
CA ALA B 167 -2.40 -7.20 -28.19
C ALA B 167 -0.95 -7.07 -27.70
N CYS B 168 -0.03 -6.82 -28.62
CA CYS B 168 1.38 -6.74 -28.29
C CYS B 168 1.69 -5.68 -27.21
N ASN B 169 0.90 -4.61 -27.14
CA ASN B 169 1.07 -3.62 -26.08
C ASN B 169 0.31 -4.03 -24.85
N ILE B 170 -0.71 -4.85 -25.02
CA ILE B 170 -1.42 -5.33 -23.85
C ILE B 170 -0.57 -6.38 -23.11
N MET B 171 0.33 -7.04 -23.81
CA MET B 171 1.20 -7.97 -23.11
C MET B 171 2.27 -7.23 -22.28
N LEU B 172 2.59 -6.01 -22.68
CA LEU B 172 3.63 -5.22 -22.03
C LEU B 172 3.15 -4.41 -20.80
N LEU B 173 1.84 -4.34 -20.58
CA LEU B 173 1.33 -3.56 -19.46
C LEU B 173 1.83 -4.04 -18.10
N GLY B 174 2.36 -3.12 -17.31
CA GLY B 174 2.89 -3.45 -16.00
C GLY B 174 4.18 -4.22 -16.07
N ALA B 175 4.96 -3.97 -17.12
CA ALA B 175 6.31 -4.52 -17.25
C ALA B 175 7.30 -3.39 -17.03
N GLN B 176 8.50 -3.76 -16.58
CA GLN B 176 9.57 -2.79 -16.33
C GLN B 176 10.93 -3.47 -16.41
N LEU B 189 12.59 -13.69 -17.97
CA LEU B 189 13.16 -12.49 -17.35
C LEU B 189 12.62 -11.19 -17.99
N PRO B 190 12.79 -11.04 -19.31
CA PRO B 190 12.49 -9.75 -19.93
C PRO B 190 11.06 -9.69 -20.47
N HIS B 191 10.56 -8.46 -20.69
CA HIS B 191 9.27 -8.20 -21.32
C HIS B 191 8.10 -8.99 -20.72
N THR B 192 8.06 -9.00 -19.39
CA THR B 192 6.97 -9.64 -18.64
C THR B 192 6.17 -8.60 -17.85
N GLY B 193 4.87 -8.57 -18.10
CA GLY B 193 3.96 -7.65 -17.43
C GLY B 193 2.89 -8.43 -16.72
N TYR B 194 1.81 -7.74 -16.36
CA TYR B 194 0.72 -8.38 -15.65
C TYR B 194 0.24 -9.71 -16.26
N ILE B 195 0.08 -9.78 -17.58
CA ILE B 195 -0.40 -11.04 -18.16
C ILE B 195 0.57 -12.20 -17.86
N TYR B 196 1.87 -11.92 -17.92
CA TYR B 196 2.85 -12.93 -17.58
C TYR B 196 2.66 -13.41 -16.15
N HIS B 197 2.49 -12.47 -15.22
CA HIS B 197 2.39 -12.81 -13.81
C HIS B 197 1.01 -13.27 -13.40
N SER B 198 0.16 -13.55 -14.40
CA SER B 198 -1.20 -13.96 -14.11
C SER B 198 -1.15 -15.41 -13.65
N ASP B 199 -2.23 -15.86 -13.02
CA ASP B 199 -2.32 -17.25 -12.61
C ASP B 199 -2.23 -18.16 -13.82
N ILE B 200 -3.26 -18.10 -14.65
CA ILE B 200 -3.35 -18.91 -15.87
C ILE B 200 -2.00 -19.12 -16.58
N VAL B 201 -1.16 -18.08 -16.62
CA VAL B 201 0.13 -18.21 -17.29
C VAL B 201 1.13 -18.92 -16.40
N GLN B 202 1.01 -18.70 -15.10
CA GLN B 202 1.97 -19.19 -14.12
C GLN B 202 1.77 -20.66 -13.77
N SER B 203 0.63 -21.22 -14.17
CA SER B 203 0.35 -22.62 -13.94
C SER B 203 1.08 -23.51 -14.95
N LEU B 204 1.86 -22.87 -15.81
CA LEU B 204 2.71 -23.58 -16.75
C LEU B 204 4.16 -23.64 -16.27
N PRO B 205 4.89 -24.66 -16.71
CA PRO B 205 6.34 -24.76 -16.52
C PRO B 205 7.03 -23.57 -17.16
N PRO B 206 8.06 -23.02 -16.50
CA PRO B 206 8.71 -21.80 -16.97
C PRO B 206 9.01 -21.80 -18.46
N ASP B 207 9.38 -22.94 -19.00
CA ASP B 207 9.78 -23.03 -20.39
C ASP B 207 8.71 -22.49 -21.35
N LEU B 208 7.44 -22.67 -20.98
CA LEU B 208 6.32 -22.34 -21.87
C LEU B 208 5.64 -21.02 -21.52
N ARG B 209 6.14 -20.31 -20.52
CA ARG B 209 5.48 -19.10 -20.07
C ARG B 209 5.52 -17.98 -21.08
N ARG B 210 6.64 -17.77 -21.75
CA ARG B 210 6.69 -16.62 -22.64
C ARG B 210 5.65 -16.72 -23.74
N LYS B 211 5.59 -17.86 -24.41
CA LYS B 211 4.63 -18.03 -25.50
C LYS B 211 3.20 -18.13 -24.96
N ALA B 212 3.07 -18.62 -23.72
CA ALA B 212 1.78 -18.65 -23.05
C ALA B 212 1.27 -17.24 -22.75
N ALA B 213 2.17 -16.36 -22.35
CA ALA B 213 1.79 -14.98 -22.09
C ALA B 213 1.34 -14.33 -23.38
N ARG B 214 2.09 -14.55 -24.44
CA ARG B 214 1.74 -14.02 -25.75
C ARG B 214 0.32 -14.45 -26.08
N LEU B 215 0.06 -15.75 -25.99
CA LEU B 215 -1.26 -16.31 -26.33
C LEU B 215 -2.40 -15.73 -25.50
N VAL B 216 -2.24 -15.71 -24.17
CA VAL B 216 -3.23 -15.12 -23.28
C VAL B 216 -3.47 -13.64 -23.62
N ALA B 217 -2.40 -12.88 -23.84
CA ALA B 217 -2.57 -11.48 -24.24
C ALA B 217 -3.49 -11.39 -25.45
N ALA B 218 -3.16 -12.11 -26.51
CA ALA B 218 -3.94 -12.04 -27.73
C ALA B 218 -5.44 -12.22 -27.45
N LYS B 219 -5.79 -13.31 -26.78
CA LYS B 219 -7.18 -13.61 -26.46
C LYS B 219 -7.86 -12.60 -25.52
N CYS B 220 -7.11 -12.08 -24.54
CA CYS B 220 -7.60 -11.00 -23.71
C CYS B 220 -7.91 -9.74 -24.52
N THR B 221 -7.18 -9.51 -25.60
CA THR B 221 -7.42 -8.38 -26.46
C THR B 221 -8.80 -8.50 -27.13
N LEU B 222 -9.10 -9.70 -27.63
CA LEU B 222 -10.41 -10.03 -28.18
C LEU B 222 -11.50 -9.89 -27.12
N ALA B 223 -11.26 -10.48 -25.96
CA ALA B 223 -12.21 -10.42 -24.86
C ALA B 223 -12.49 -8.99 -24.40
N ALA B 224 -11.50 -8.11 -24.47
CA ALA B 224 -11.71 -6.76 -23.96
C ALA B 224 -12.61 -6.03 -24.93
N ARG B 225 -12.34 -6.21 -26.22
CA ARG B 225 -13.12 -5.56 -27.26
C ARG B 225 -14.60 -5.95 -27.20
N VAL B 226 -14.89 -7.25 -27.11
CA VAL B 226 -16.27 -7.69 -26.91
C VAL B 226 -16.85 -6.94 -25.72
N ASP B 227 -16.12 -6.98 -24.60
CA ASP B 227 -16.55 -6.33 -23.37
C ASP B 227 -16.74 -4.80 -23.46
N SER B 228 -16.09 -4.15 -24.41
CA SER B 228 -16.24 -2.70 -24.51
C SER B 228 -17.59 -2.37 -25.12
N PHE B 229 -18.19 -3.37 -25.76
CA PHE B 229 -19.46 -3.21 -26.43
C PHE B 229 -20.56 -3.93 -25.66
N HIS B 230 -20.20 -4.42 -24.48
CA HIS B 230 -21.19 -4.97 -23.56
C HIS B 230 -21.93 -6.10 -24.22
N GLU B 231 -21.14 -7.02 -24.74
CA GLU B 231 -21.66 -8.19 -25.41
C GLU B 231 -21.19 -9.46 -24.72
N SER B 232 -21.79 -10.58 -25.10
CA SER B 232 -21.55 -11.83 -24.41
C SER B 232 -21.45 -11.59 -22.90
N THR B 233 -22.41 -10.86 -22.37
CA THR B 233 -22.40 -10.45 -20.96
C THR B 233 -22.52 -11.60 -19.97
N GLU B 234 -22.54 -12.84 -20.46
CA GLU B 234 -22.60 -13.99 -19.58
C GLU B 234 -21.28 -14.74 -19.69
N GLY B 235 -20.39 -14.20 -20.50
CA GLY B 235 -19.04 -14.69 -20.61
C GLY B 235 -18.85 -15.83 -21.60
N LYS B 236 -19.86 -16.10 -22.42
CA LYS B 236 -19.74 -17.20 -23.37
C LYS B 236 -18.40 -17.12 -24.14
N VAL B 237 -18.13 -15.96 -24.75
CA VAL B 237 -16.89 -15.68 -25.46
C VAL B 237 -15.66 -15.89 -24.56
N GLY B 238 -15.70 -15.31 -23.37
CA GLY B 238 -14.63 -15.50 -22.42
C GLY B 238 -14.34 -16.97 -22.24
N TYR B 239 -15.39 -17.76 -22.04
CA TYR B 239 -15.25 -19.18 -21.86
C TYR B 239 -14.71 -19.92 -23.11
N GLU B 240 -15.24 -19.58 -24.27
CA GLU B 240 -14.76 -20.22 -25.50
C GLU B 240 -13.27 -19.98 -25.54
N LEU B 241 -12.91 -18.71 -25.49
CA LEU B 241 -11.53 -18.28 -25.51
C LEU B 241 -10.69 -19.02 -24.46
N LYS B 242 -11.23 -19.19 -23.27
CA LYS B 242 -10.41 -19.80 -22.24
C LYS B 242 -10.10 -21.23 -22.63
N ASP B 243 -11.12 -21.96 -23.04
CA ASP B 243 -10.99 -23.38 -23.34
C ASP B 243 -10.09 -23.57 -24.56
N GLU B 244 -10.26 -22.69 -25.54
CA GLU B 244 -9.40 -22.62 -26.69
C GLU B 244 -7.94 -22.42 -26.27
N ILE B 245 -7.73 -21.63 -25.22
CA ILE B 245 -6.39 -21.37 -24.68
C ILE B 245 -5.89 -22.56 -23.89
N GLU B 246 -6.81 -23.26 -23.23
CA GLU B 246 -6.40 -24.36 -22.40
C GLU B 246 -6.06 -25.55 -23.27
N ARG B 247 -6.77 -25.69 -24.39
CA ARG B 247 -6.51 -26.78 -25.30
C ARG B 247 -5.08 -26.71 -25.85
N LYS B 248 -4.63 -25.51 -26.21
CA LYS B 248 -3.29 -25.36 -26.75
C LYS B 248 -2.28 -25.61 -25.65
N PHE B 249 -2.69 -25.32 -24.42
CA PHE B 249 -1.83 -25.56 -23.29
C PHE B 249 -1.62 -27.06 -23.21
N ASP B 250 -2.70 -27.80 -23.36
CA ASP B 250 -2.63 -29.26 -23.38
C ASP B 250 -1.72 -29.77 -24.50
N LYS B 251 -1.93 -29.27 -25.72
CA LYS B 251 -1.07 -29.63 -26.86
C LYS B 251 0.42 -29.57 -26.52
N TRP B 252 0.89 -28.39 -26.12
CA TRP B 252 2.26 -28.22 -25.68
C TRP B 252 2.51 -29.11 -24.47
N GLN B 253 1.44 -29.35 -23.72
CA GLN B 253 1.47 -30.10 -22.44
C GLN B 253 2.33 -29.44 -21.34
N ALA D 6 23.53 13.75 51.16
CA ALA D 6 22.19 13.22 50.90
C ALA D 6 22.20 11.96 50.01
N ASP D 7 21.19 11.12 50.19
CA ASP D 7 21.06 9.87 49.43
C ASP D 7 20.90 10.08 47.93
N VAL D 8 21.77 9.41 47.16
CA VAL D 8 21.74 9.48 45.70
C VAL D 8 21.06 8.25 45.10
N ASN D 9 20.58 8.38 43.86
CA ASN D 9 19.93 7.30 43.11
C ASN D 9 20.86 6.14 42.82
N PRO D 10 20.50 4.93 43.26
CA PRO D 10 21.34 3.75 43.10
C PRO D 10 21.82 3.63 41.67
N LYS D 11 20.93 3.94 40.73
CA LYS D 11 21.21 3.75 39.31
C LYS D 11 22.37 4.63 38.87
N ALA D 12 22.56 5.75 39.56
CA ALA D 12 23.61 6.71 39.21
C ALA D 12 24.94 6.29 39.76
N TYR D 13 25.59 5.31 39.14
CA TYR D 13 26.87 4.83 39.62
C TYR D 13 27.75 4.53 38.42
N PRO D 14 29.07 4.54 38.61
CA PRO D 14 29.78 4.84 39.86
C PRO D 14 29.77 6.34 40.16
N LEU D 15 29.45 6.71 41.41
CA LEU D 15 29.49 8.10 41.84
C LEU D 15 30.88 8.53 42.38
N ALA D 16 31.36 9.68 41.92
CA ALA D 16 32.63 10.24 42.34
C ALA D 16 32.61 10.73 43.80
N ASP D 17 33.65 10.37 44.57
CA ASP D 17 33.86 10.95 45.90
C ASP D 17 34.18 12.44 45.69
N ALA D 18 34.20 13.22 46.77
CA ALA D 18 34.42 14.66 46.64
C ALA D 18 35.78 14.97 46.03
N HIS D 19 36.71 14.04 46.17
CA HIS D 19 38.08 14.24 45.71
C HIS D 19 38.16 14.09 44.20
N LEU D 20 37.81 12.90 43.72
CA LEU D 20 37.66 12.64 42.29
C LEU D 20 36.71 13.64 41.62
N THR D 21 35.59 13.94 42.29
CA THR D 21 34.68 14.97 41.80
C THR D 21 35.44 16.24 41.50
N LYS D 22 36.35 16.63 42.39
CA LYS D 22 37.17 17.82 42.16
C LYS D 22 38.18 17.57 41.05
N LYS D 23 38.69 16.35 40.98
CA LYS D 23 39.64 16.02 39.93
C LYS D 23 38.99 16.13 38.56
N LEU D 24 37.84 15.47 38.38
CA LEU D 24 37.05 15.52 37.14
C LEU D 24 36.67 16.94 36.71
N LEU D 25 36.12 17.71 37.63
CA LEU D 25 35.66 19.06 37.30
C LEU D 25 36.78 20.01 36.87
N ASP D 26 37.97 19.83 37.43
CA ASP D 26 39.15 20.56 36.99
C ASP D 26 39.52 20.19 35.58
N LEU D 27 39.50 18.88 35.33
CA LEU D 27 39.87 18.35 34.04
C LEU D 27 38.89 18.77 32.94
N VAL D 28 37.57 18.72 33.18
CA VAL D 28 36.67 19.18 32.11
C VAL D 28 36.82 20.68 31.93
N GLN D 29 37.17 21.39 33.00
CA GLN D 29 37.37 22.82 32.84
C GLN D 29 38.56 23.08 31.94
N GLN D 30 39.60 22.26 32.08
CA GLN D 30 40.77 22.38 31.22
C GLN D 30 40.46 21.92 29.80
N SER D 31 39.82 20.76 29.68
CA SER D 31 39.47 20.23 28.38
C SER D 31 38.58 21.20 27.61
N CYS D 32 37.85 22.03 28.33
CA CYS D 32 37.09 23.10 27.71
C CYS D 32 38.01 24.17 27.11
N ASN D 33 39.10 24.48 27.81
CA ASN D 33 40.07 25.45 27.31
C ASN D 33 40.82 24.92 26.09
N TYR D 34 41.16 23.64 26.13
CA TYR D 34 41.90 23.01 25.03
C TYR D 34 40.97 22.46 23.96
N LYS D 35 39.71 22.89 24.00
CA LYS D 35 38.73 22.52 22.99
C LYS D 35 38.71 21.03 22.64
N GLN D 36 38.61 20.21 23.68
CA GLN D 36 38.37 18.79 23.57
C GLN D 36 37.22 18.43 24.49
N LEU D 37 36.23 19.31 24.58
CA LEU D 37 35.07 19.06 25.44
C LEU D 37 33.74 19.09 24.64
N ARG D 38 32.92 18.05 24.83
CA ARG D 38 31.56 18.10 24.28
C ARG D 38 30.55 18.23 25.41
N LYS D 39 29.69 19.24 25.33
CA LYS D 39 28.73 19.50 26.43
C LYS D 39 27.27 19.22 26.02
N GLY D 40 26.57 18.45 26.85
CA GLY D 40 25.18 18.12 26.60
C GLY D 40 25.03 16.63 26.30
N ALA D 41 24.01 16.00 26.90
CA ALA D 41 23.70 14.59 26.60
C ALA D 41 23.75 14.30 25.09
N ASN D 42 23.07 15.14 24.31
CA ASN D 42 23.08 14.98 22.87
C ASN D 42 24.47 14.91 22.24
N GLU D 43 25.31 15.92 22.45
CA GLU D 43 26.62 15.92 21.80
C GLU D 43 27.53 14.81 22.34
N ALA D 44 27.25 14.37 23.56
CA ALA D 44 28.07 13.31 24.12
C ALA D 44 27.75 12.01 23.42
N THR D 45 26.46 11.70 23.36
CA THR D 45 25.94 10.54 22.64
C THR D 45 26.62 10.38 21.30
N LYS D 46 26.84 11.49 20.62
CA LYS D 46 27.50 11.47 19.31
C LYS D 46 28.93 10.93 19.47
N THR D 47 29.70 11.56 20.35
CA THR D 47 31.10 11.18 20.51
C THR D 47 31.23 9.69 20.80
N LEU D 48 30.28 9.13 21.54
CA LEU D 48 30.26 7.69 21.72
C LEU D 48 29.97 6.95 20.40
N ASN D 49 28.99 7.44 19.65
CA ASN D 49 28.65 6.81 18.38
C ASN D 49 29.83 6.89 17.41
N ARG D 50 30.59 7.99 17.50
CA ARG D 50 31.76 8.18 16.64
C ARG D 50 33.09 7.64 17.22
N GLY D 51 33.07 7.03 18.38
CA GLY D 51 34.28 6.50 18.99
C GLY D 51 35.42 7.50 19.25
N ILE D 52 35.08 8.67 19.74
CA ILE D 52 36.09 9.70 19.97
C ILE D 52 36.06 10.23 21.41
N SER D 53 35.70 9.36 22.35
CA SER D 53 35.51 9.78 23.73
C SER D 53 36.59 9.22 24.66
N GLU D 54 37.19 10.09 25.46
CA GLU D 54 38.15 9.62 26.46
C GLU D 54 37.37 9.04 27.61
N PHE D 55 36.37 9.78 28.08
CA PHE D 55 35.50 9.29 29.15
C PHE D 55 34.25 10.17 29.23
N ILE D 56 33.26 9.70 29.97
CA ILE D 56 32.03 10.43 30.12
C ILE D 56 31.77 10.85 31.58
N VAL D 57 31.28 12.07 31.77
CA VAL D 57 30.90 12.54 33.08
C VAL D 57 29.44 12.99 33.07
N MET D 58 28.65 12.44 34.00
CA MET D 58 27.21 12.71 34.06
C MET D 58 26.78 13.23 35.43
N ALA D 59 25.79 14.11 35.43
CA ALA D 59 25.19 14.59 36.66
C ALA D 59 24.15 13.63 37.24
N ALA D 60 24.35 13.18 38.48
CA ALA D 60 23.42 12.25 39.08
C ALA D 60 22.09 12.88 39.51
N ASP D 61 21.93 14.20 39.31
CA ASP D 61 20.66 14.84 39.67
C ASP D 61 19.85 15.29 38.44
N ALA D 62 20.30 14.85 37.26
CA ALA D 62 19.51 14.89 36.03
C ALA D 62 18.16 14.21 36.28
N GLU D 63 17.05 14.90 36.03
CA GLU D 63 15.72 14.31 36.21
C GLU D 63 14.87 14.40 34.94
N PRO D 64 14.30 13.28 34.50
CA PRO D 64 14.49 11.96 35.11
C PRO D 64 15.87 11.44 34.80
N LEU D 65 16.46 10.66 35.72
CA LEU D 65 17.77 10.09 35.48
C LEU D 65 17.85 9.37 34.12
N GLU D 66 16.74 8.80 33.68
CA GLU D 66 16.76 7.97 32.49
C GLU D 66 17.18 8.70 31.22
N ILE D 67 17.17 10.04 31.25
CA ILE D 67 17.49 10.80 30.06
C ILE D 67 18.98 10.79 29.78
N ILE D 68 19.77 10.22 30.68
CA ILE D 68 21.20 10.01 30.41
C ILE D 68 21.63 8.56 30.57
N LEU D 69 20.70 7.67 30.90
CA LEU D 69 21.08 6.30 31.24
C LEU D 69 21.54 5.48 30.05
N HIS D 70 21.34 6.03 28.86
CA HIS D 70 21.69 5.35 27.63
C HIS D 70 23.20 5.49 27.40
N LEU D 71 23.79 6.51 28.00
CA LEU D 71 25.23 6.75 27.85
C LEU D 71 26.14 5.63 28.40
N PRO D 72 25.82 5.10 29.59
CA PRO D 72 26.59 3.97 30.12
C PRO D 72 26.51 2.74 29.22
N LEU D 73 25.38 2.56 28.53
CA LEU D 73 25.18 1.46 27.61
C LEU D 73 25.96 1.67 26.33
N LEU D 74 26.01 2.90 25.85
CA LEU D 74 26.83 3.22 24.69
C LEU D 74 28.29 3.14 25.09
N CYS D 75 28.53 3.13 26.39
CA CYS D 75 29.89 3.11 26.92
C CYS D 75 30.45 1.69 27.04
N GLU D 76 29.57 0.70 27.23
CA GLU D 76 30.02 -0.68 27.33
C GLU D 76 30.44 -1.20 25.97
N ASP D 77 29.87 -0.61 24.92
CA ASP D 77 30.14 -1.05 23.56
C ASP D 77 31.61 -0.81 23.21
N LYS D 78 32.07 0.41 23.41
CA LYS D 78 33.43 0.80 23.03
C LYS D 78 34.38 0.75 24.23
N ASN D 79 33.87 0.28 25.36
CA ASN D 79 34.62 0.24 26.60
C ASN D 79 35.17 1.60 27.00
N VAL D 80 34.28 2.59 27.07
CA VAL D 80 34.62 3.96 27.47
C VAL D 80 34.21 4.17 28.92
N PRO D 81 35.05 4.87 29.71
CA PRO D 81 34.80 5.13 31.13
C PRO D 81 33.75 6.22 31.40
N TYR D 82 32.89 5.97 32.38
CA TYR D 82 31.87 6.94 32.75
C TYR D 82 31.76 7.06 34.26
N VAL D 83 31.36 8.23 34.74
CA VAL D 83 31.23 8.46 36.17
C VAL D 83 30.16 9.53 36.44
N PHE D 84 29.50 9.44 37.59
CA PHE D 84 28.57 10.47 37.99
C PHE D 84 29.18 11.48 39.01
N VAL D 85 28.70 12.72 38.97
CA VAL D 85 29.02 13.74 39.98
C VAL D 85 27.68 14.18 40.55
N ARG D 86 27.64 14.71 41.76
CA ARG D 86 26.37 14.92 42.43
C ARG D 86 25.53 16.00 41.75
N SER D 87 26.20 16.97 41.15
CA SER D 87 25.56 18.24 40.82
C SER D 87 25.67 18.67 39.36
N LYS D 88 24.51 18.90 38.74
CA LYS D 88 24.48 19.29 37.34
C LYS D 88 24.73 20.78 37.19
N GLN D 89 24.37 21.53 38.22
CA GLN D 89 24.63 22.95 38.26
C GLN D 89 26.16 23.16 38.23
N ALA D 90 26.88 22.28 38.92
CA ALA D 90 28.33 22.29 38.98
C ALA D 90 28.98 21.85 37.67
N LEU D 91 28.42 20.81 37.07
CA LEU D 91 28.97 20.28 35.83
C LEU D 91 28.88 21.38 34.77
N GLY D 92 27.76 22.10 34.79
CA GLY D 92 27.60 23.25 33.94
C GLY D 92 28.69 24.29 34.11
N ARG D 93 28.97 24.69 35.35
CA ARG D 93 30.05 25.67 35.59
C ARG D 93 31.41 25.19 35.06
N ALA D 94 31.76 23.95 35.38
CA ALA D 94 32.97 23.33 34.85
C ALA D 94 33.01 23.50 33.32
N CYS D 95 31.86 23.35 32.68
CA CYS D 95 31.72 23.49 31.22
C CYS D 95 31.69 24.94 30.71
N GLY D 96 31.73 25.90 31.63
CA GLY D 96 31.78 27.28 31.23
C GLY D 96 30.41 27.85 30.95
N VAL D 97 29.38 27.19 31.48
CA VAL D 97 28.00 27.55 31.15
C VAL D 97 27.20 27.86 32.41
N SER D 98 26.28 28.81 32.33
CA SER D 98 25.57 29.21 33.54
C SER D 98 24.31 28.37 33.74
N ARG D 99 24.09 27.43 32.83
CA ARG D 99 23.00 26.48 32.94
C ARG D 99 23.53 25.13 33.40
N PRO D 100 22.64 24.32 34.00
CA PRO D 100 23.05 22.95 34.32
C PRO D 100 23.46 22.21 33.04
N VAL D 101 24.33 21.22 33.22
CA VAL D 101 24.77 20.37 32.14
C VAL D 101 24.73 18.98 32.74
N ILE D 102 24.02 18.06 32.09
CA ILE D 102 23.75 16.77 32.73
C ILE D 102 24.67 15.72 32.23
N ALA D 103 25.45 16.07 31.21
CA ALA D 103 26.41 15.14 30.67
C ALA D 103 27.40 15.88 29.80
N CYS D 104 28.64 15.40 29.76
CA CYS D 104 29.63 15.97 28.87
C CYS D 104 30.63 14.89 28.49
N SER D 105 31.38 15.11 27.42
CA SER D 105 32.33 14.13 26.95
C SER D 105 33.67 14.77 26.72
N VAL D 106 34.72 14.15 27.24
CA VAL D 106 36.07 14.62 26.91
C VAL D 106 36.57 13.83 25.70
N THR D 107 36.90 14.54 24.64
CA THR D 107 37.24 13.88 23.39
C THR D 107 38.71 13.58 23.21
N ILE D 108 38.99 12.78 22.20
CA ILE D 108 40.34 12.39 21.84
C ILE D 108 40.96 13.47 20.97
N LYS D 109 42.24 13.72 21.18
CA LYS D 109 42.98 14.69 20.38
C LYS D 109 44.41 14.24 20.21
N GLU D 110 45.03 14.73 19.14
CA GLU D 110 46.35 14.27 18.70
C GLU D 110 47.46 14.79 19.58
N GLY D 111 48.04 13.92 20.39
CA GLY D 111 49.11 14.31 21.31
C GLY D 111 48.71 15.46 22.21
N SER D 112 47.67 15.25 23.01
CA SER D 112 47.16 16.29 23.89
C SER D 112 48.04 16.47 25.13
N GLN D 113 48.28 17.73 25.50
CA GLN D 113 49.01 18.02 26.73
C GLN D 113 48.26 17.44 27.93
N LEU D 114 47.00 17.08 27.72
CA LEU D 114 46.17 16.52 28.76
C LEU D 114 46.29 14.99 28.82
N LYS D 115 46.98 14.43 27.82
CA LYS D 115 47.06 12.97 27.70
C LYS D 115 47.26 12.29 29.04
N GLN D 116 48.26 12.74 29.79
CA GLN D 116 48.58 12.12 31.08
C GLN D 116 47.44 12.25 32.08
N GLN D 117 46.93 13.46 32.22
CA GLN D 117 45.88 13.71 33.20
C GLN D 117 44.64 12.97 32.77
N ILE D 118 44.37 13.00 31.46
CA ILE D 118 43.24 12.28 30.92
C ILE D 118 43.34 10.80 31.28
N GLN D 119 44.53 10.22 31.13
CA GLN D 119 44.67 8.79 31.44
C GLN D 119 44.73 8.51 32.94
N SER D 120 45.10 9.51 33.71
CA SER D 120 45.11 9.37 35.16
C SER D 120 43.68 9.31 35.69
N ILE D 121 42.81 10.13 35.11
CA ILE D 121 41.41 10.17 35.51
C ILE D 121 40.67 8.92 35.00
N GLN D 122 41.07 8.45 33.83
CA GLN D 122 40.53 7.21 33.29
C GLN D 122 40.71 6.07 34.30
N GLN D 123 41.94 5.89 34.77
CA GLN D 123 42.24 4.80 35.69
C GLN D 123 41.43 4.89 36.96
N SER D 124 41.30 6.10 37.50
CA SER D 124 40.49 6.35 38.69
C SER D 124 39.04 5.92 38.45
N ILE D 125 38.55 6.13 37.23
CA ILE D 125 37.18 5.74 36.91
C ILE D 125 37.11 4.23 36.77
N GLU D 126 38.10 3.66 36.08
CA GLU D 126 38.16 2.23 35.85
C GLU D 126 38.19 1.45 37.15
N ARG D 127 38.87 2.02 38.15
CA ARG D 127 38.92 1.38 39.45
C ARG D 127 37.56 1.36 40.14
N LEU D 128 36.71 2.33 39.82
CA LEU D 128 35.39 2.44 40.47
C LEU D 128 34.46 1.29 40.09
N LEU D 129 34.34 1.05 38.79
CA LEU D 129 33.49 -0.02 38.26
C LEU D 129 33.85 -1.37 38.86
N VAL D 130 34.91 -1.40 39.65
CA VAL D 130 35.38 -2.59 40.36
C VAL D 130 35.33 -3.83 39.46
N ALA E 7 14.54 -10.44 9.09
CA ALA E 7 13.30 -11.18 9.32
C ALA E 7 12.07 -10.27 9.36
N ALA E 8 11.18 -10.51 10.33
CA ALA E 8 10.00 -9.69 10.55
C ALA E 8 9.89 -9.16 11.99
N PRO E 9 10.69 -8.13 12.33
CA PRO E 9 10.67 -7.52 13.67
C PRO E 9 9.34 -6.82 13.89
N GLU E 10 8.89 -6.67 15.14
CA GLU E 10 7.56 -6.10 15.37
C GLU E 10 7.37 -4.67 14.85
N TYR E 11 8.38 -3.82 15.01
CA TYR E 11 8.23 -2.43 14.59
C TYR E 11 7.82 -2.38 13.12
N ARG E 12 8.26 -3.36 12.32
CA ARG E 12 7.89 -3.40 10.91
C ARG E 12 6.43 -3.88 10.68
N VAL E 13 5.96 -4.78 11.53
CA VAL E 13 4.55 -5.15 11.58
C VAL E 13 3.67 -3.94 11.94
N ILE E 14 4.05 -3.19 13.00
CA ILE E 14 3.29 -2.01 13.42
C ILE E 14 3.30 -0.90 12.37
N VAL E 15 4.45 -0.71 11.73
CA VAL E 15 4.57 0.38 10.77
C VAL E 15 3.84 0.10 9.44
N ASP E 16 3.90 -1.15 8.95
CA ASP E 16 3.12 -1.53 7.78
C ASP E 16 1.61 -1.52 8.07
N ALA E 17 1.23 -2.07 9.21
CA ALA E 17 -0.15 -1.95 9.67
C ALA E 17 -0.59 -0.50 9.63
N ASN E 18 0.27 0.41 10.13
CA ASN E 18 -0.06 1.82 10.15
C ASN E 18 -0.29 2.36 8.75
N ASN E 19 0.56 1.97 7.80
CA ASN E 19 0.42 2.46 6.43
C ASN E 19 -0.86 2.00 5.77
N LEU E 20 -1.35 0.84 6.16
CA LEU E 20 -2.58 0.32 5.61
C LEU E 20 -3.72 1.29 5.82
N THR E 21 -3.76 1.96 6.97
CA THR E 21 -4.90 2.82 7.27
C THR E 21 -4.97 3.99 6.31
N VAL E 22 -3.82 4.46 5.83
CA VAL E 22 -3.85 5.53 4.85
C VAL E 22 -4.40 5.05 3.49
N GLU E 23 -3.98 3.87 3.06
CA GLU E 23 -4.51 3.28 1.84
C GLU E 23 -6.03 3.16 1.96
N ILE E 24 -6.46 2.61 3.10
CA ILE E 24 -7.86 2.36 3.30
C ILE E 24 -8.66 3.64 3.31
N GLU E 25 -8.06 4.72 3.77
CA GLU E 25 -8.77 5.98 3.83
C GLU E 25 -8.95 6.55 2.43
N ASN E 26 -7.91 6.41 1.62
CA ASN E 26 -7.99 6.87 0.25
C ASN E 26 -9.09 6.13 -0.50
N GLU E 27 -9.10 4.82 -0.34
CA GLU E 27 -10.10 4.02 -0.97
C GLU E 27 -11.43 4.57 -0.51
N LEU E 28 -11.58 4.78 0.79
CA LEU E 28 -12.84 5.27 1.29
C LEU E 28 -13.32 6.57 0.62
N ASN E 29 -12.46 7.56 0.46
CA ASN E 29 -12.98 8.81 -0.11
C ASN E 29 -13.22 8.71 -1.62
N ILE E 30 -12.53 7.78 -2.27
CA ILE E 30 -12.83 7.44 -3.65
C ILE E 30 -14.23 6.78 -3.78
N ILE E 31 -14.52 5.82 -2.91
CA ILE E 31 -15.81 5.15 -2.91
C ILE E 31 -16.90 6.11 -2.49
N HIS E 32 -16.59 7.07 -1.65
CA HIS E 32 -17.60 8.06 -1.28
C HIS E 32 -18.00 8.86 -2.50
N LYS E 33 -17.02 9.31 -3.26
CA LYS E 33 -17.26 10.09 -4.45
C LYS E 33 -18.11 9.29 -5.45
N PHE E 34 -17.78 8.01 -5.58
CA PHE E 34 -18.48 7.16 -6.52
C PHE E 34 -19.91 6.90 -6.10
N ILE E 35 -20.11 6.58 -4.83
CA ILE E 35 -21.46 6.33 -4.36
C ILE E 35 -22.34 7.56 -4.49
N ARG E 36 -21.80 8.74 -4.15
CA ARG E 36 -22.60 9.96 -4.20
C ARG E 36 -22.93 10.32 -5.64
N ASP E 37 -22.01 9.99 -6.53
CA ASP E 37 -22.22 10.27 -7.94
C ASP E 37 -23.27 9.33 -8.54
N LYS E 38 -23.21 8.06 -8.18
CA LYS E 38 -24.15 7.12 -8.77
C LYS E 38 -25.53 7.28 -8.13
N TYR E 39 -25.56 7.67 -6.86
CA TYR E 39 -26.84 7.86 -6.20
C TYR E 39 -27.41 9.23 -6.50
N SER E 40 -26.67 10.03 -7.25
CA SER E 40 -27.16 11.33 -7.66
C SER E 40 -28.39 11.12 -8.54
N LYS E 41 -28.35 10.07 -9.36
CA LYS E 41 -29.48 9.72 -10.22
C LYS E 41 -30.79 9.39 -9.50
N ARG E 42 -30.73 8.76 -8.33
CA ARG E 42 -31.95 8.36 -7.64
C ARG E 42 -32.48 9.48 -6.79
N PHE E 43 -31.58 10.19 -6.13
CA PHE E 43 -31.93 11.20 -5.17
C PHE E 43 -30.82 12.23 -5.11
N PRO E 44 -30.77 13.13 -6.11
CA PRO E 44 -29.72 14.14 -6.29
C PRO E 44 -29.55 15.10 -5.11
N GLU E 45 -30.63 15.33 -4.37
CA GLU E 45 -30.66 16.33 -3.30
C GLU E 45 -29.97 15.85 -2.02
N LEU E 46 -29.73 14.55 -1.92
CA LEU E 46 -29.28 13.93 -0.69
C LEU E 46 -27.87 14.34 -0.23
N GLU E 47 -26.93 14.42 -1.17
CA GLU E 47 -25.54 14.70 -0.80
C GLU E 47 -25.40 15.91 0.11
N SER E 48 -26.22 16.93 -0.14
CA SER E 48 -26.16 18.18 0.59
C SER E 48 -26.88 18.08 1.93
N LEU E 49 -28.01 17.41 1.95
CA LEU E 49 -28.71 17.16 3.22
C LEU E 49 -27.89 16.27 4.16
N VAL E 50 -26.92 15.55 3.63
CA VAL E 50 -26.06 14.70 4.47
C VAL E 50 -24.60 14.76 4.02
N PRO E 51 -23.90 15.85 4.39
CA PRO E 51 -22.48 16.04 4.10
C PRO E 51 -21.60 14.90 4.65
N ASN E 52 -21.76 14.55 5.94
CA ASN E 52 -20.97 13.46 6.53
C ASN E 52 -20.99 12.21 5.65
N ALA E 53 -19.82 11.81 5.18
CA ALA E 53 -19.72 10.74 4.19
C ALA E 53 -20.30 9.46 4.74
N LEU E 54 -19.87 9.11 5.96
CA LEU E 54 -20.26 7.83 6.52
C LEU E 54 -21.76 7.80 6.84
N ASP E 55 -22.35 8.97 7.09
CA ASP E 55 -23.79 9.05 7.23
C ASP E 55 -24.48 8.92 5.87
N TYR E 56 -23.89 9.52 4.83
CA TYR E 56 -24.45 9.42 3.48
C TYR E 56 -24.49 7.96 3.02
N ILE E 57 -23.32 7.32 2.95
CA ILE E 57 -23.24 5.90 2.67
C ILE E 57 -24.28 5.10 3.45
N ARG E 58 -24.21 5.15 4.78
CA ARG E 58 -25.14 4.41 5.63
C ARG E 58 -26.60 4.66 5.28
N THR E 59 -26.90 5.89 4.87
CA THR E 59 -28.26 6.26 4.53
C THR E 59 -28.69 5.65 3.22
N VAL E 60 -27.87 5.80 2.17
CA VAL E 60 -28.29 5.25 0.89
C VAL E 60 -28.40 3.73 0.97
N LYS E 61 -27.50 3.10 1.70
CA LYS E 61 -27.65 1.67 1.91
C LYS E 61 -29.05 1.32 2.42
N GLU E 62 -29.66 2.26 3.13
CA GLU E 62 -30.95 2.04 3.79
C GLU E 62 -32.15 2.45 2.93
N LEU E 63 -32.01 3.55 2.21
CA LEU E 63 -33.06 4.00 1.31
C LEU E 63 -33.11 3.19 0.02
N GLY E 64 -31.94 2.92 -0.55
CA GLY E 64 -31.84 2.25 -1.84
C GLY E 64 -32.77 2.87 -2.88
N ASN E 65 -33.45 2.02 -3.62
CA ASN E 65 -34.36 2.46 -4.68
C ASN E 65 -35.64 3.02 -4.12
N SER E 66 -36.18 2.31 -3.14
CA SER E 66 -37.45 2.67 -2.53
C SER E 66 -37.35 3.81 -1.52
N LEU E 67 -37.63 5.03 -1.98
CA LEU E 67 -37.76 6.18 -1.10
C LEU E 67 -39.03 6.04 -0.24
N ASP E 68 -39.88 5.06 -0.58
CA ASP E 68 -41.07 4.77 0.21
C ASP E 68 -40.71 4.13 1.56
N LYS E 69 -39.41 3.99 1.80
CA LYS E 69 -38.87 3.34 2.99
C LYS E 69 -38.51 4.38 4.04
N CYS E 70 -38.36 5.62 3.60
CA CYS E 70 -37.85 6.73 4.43
C CYS E 70 -38.74 7.19 5.59
N LYS E 71 -39.96 6.71 5.66
CA LYS E 71 -40.92 7.23 6.63
C LYS E 71 -41.20 6.30 7.81
N ASN E 72 -40.80 6.75 8.99
CA ASN E 72 -41.12 6.06 10.24
C ASN E 72 -40.38 4.73 10.40
N ASN E 73 -39.09 4.74 10.07
CA ASN E 73 -38.23 3.56 10.31
C ASN E 73 -37.11 3.94 11.29
N GLU E 74 -36.92 3.14 12.34
CA GLU E 74 -35.98 3.53 13.40
C GLU E 74 -34.57 3.58 12.85
N ASN E 75 -34.34 2.80 11.80
CA ASN E 75 -33.03 2.73 11.16
C ASN E 75 -32.54 4.08 10.67
N LEU E 76 -33.49 4.93 10.29
CA LEU E 76 -33.18 6.27 9.80
C LEU E 76 -32.86 7.24 10.94
N GLN E 77 -33.43 6.99 12.13
CA GLN E 77 -33.15 7.82 13.29
C GLN E 77 -31.78 7.50 13.86
N GLN E 78 -31.38 6.24 13.73
CA GLN E 78 -30.09 5.80 14.25
C GLN E 78 -28.97 6.54 13.54
N ILE E 79 -29.10 6.67 12.23
CA ILE E 79 -28.11 7.34 11.42
C ILE E 79 -28.31 8.86 11.48
N LEU E 80 -29.57 9.28 11.38
CA LEU E 80 -29.89 10.70 11.30
C LEU E 80 -30.80 11.21 12.41
N THR E 81 -30.67 12.50 12.69
CA THR E 81 -31.56 13.22 13.59
C THR E 81 -32.95 13.28 12.99
N ASN E 82 -33.95 13.65 13.79
CA ASN E 82 -35.30 13.79 13.27
C ASN E 82 -35.50 15.16 12.62
N ALA E 83 -34.59 16.08 12.94
CA ALA E 83 -34.61 17.42 12.36
C ALA E 83 -34.01 17.40 10.96
N THR E 84 -33.21 16.36 10.69
CA THR E 84 -32.71 16.13 9.35
C THR E 84 -33.64 15.17 8.62
N ILE E 85 -33.96 14.03 9.24
CA ILE E 85 -34.90 13.10 8.62
C ILE E 85 -36.14 13.85 8.14
N MET E 86 -36.46 14.95 8.81
CA MET E 86 -37.63 15.72 8.46
C MET E 86 -37.42 16.41 7.12
N VAL E 87 -36.20 16.88 6.89
CA VAL E 87 -35.93 17.63 5.66
C VAL E 87 -35.69 16.70 4.45
N VAL E 88 -35.28 15.47 4.71
CA VAL E 88 -35.11 14.51 3.61
C VAL E 88 -36.46 14.08 3.07
N SER E 89 -37.39 13.72 3.96
CA SER E 89 -38.73 13.33 3.55
C SER E 89 -39.36 14.41 2.66
N VAL E 90 -39.20 15.67 3.07
CA VAL E 90 -39.72 16.80 2.33
C VAL E 90 -39.12 16.90 0.92
N THR E 91 -37.80 16.84 0.83
CA THR E 91 -37.14 16.89 -0.47
C THR E 91 -37.42 15.62 -1.28
N ALA E 92 -37.46 14.48 -0.60
CA ALA E 92 -37.65 13.18 -1.25
C ALA E 92 -39.03 13.00 -1.90
N SER E 93 -39.89 14.00 -1.71
CA SER E 93 -41.22 13.93 -2.28
C SER E 93 -41.26 14.75 -3.56
N THR E 94 -40.32 15.67 -3.68
CA THR E 94 -40.27 16.56 -4.83
C THR E 94 -39.04 16.27 -5.69
N THR E 95 -38.34 15.19 -5.38
CA THR E 95 -37.06 14.89 -6.03
C THR E 95 -37.18 14.60 -7.52
N GLN E 96 -36.20 15.07 -8.28
CA GLN E 96 -36.15 14.85 -9.73
C GLN E 96 -35.36 13.59 -10.05
N GLY E 97 -35.10 12.77 -9.04
CA GLY E 97 -34.42 11.51 -9.25
C GLY E 97 -35.34 10.48 -9.85
N GLN E 98 -34.78 9.61 -10.68
CA GLN E 98 -35.54 8.49 -11.25
C GLN E 98 -35.16 7.19 -10.59
N GLN E 99 -35.96 6.16 -10.82
CA GLN E 99 -35.77 4.86 -10.20
C GLN E 99 -34.59 4.12 -10.82
N LEU E 100 -33.84 3.41 -10.01
CA LEU E 100 -32.68 2.68 -10.48
C LEU E 100 -33.04 1.29 -10.99
N SER E 101 -32.33 0.83 -12.01
CA SER E 101 -32.45 -0.54 -12.47
C SER E 101 -31.69 -1.43 -11.53
N GLU E 102 -31.93 -2.73 -11.61
CA GLU E 102 -31.24 -3.67 -10.78
C GLU E 102 -29.72 -3.54 -10.85
N GLU E 103 -29.16 -3.42 -12.04
CA GLU E 103 -27.70 -3.33 -12.11
C GLU E 103 -27.15 -2.05 -11.47
N GLU E 104 -27.92 -0.98 -11.49
CA GLU E 104 -27.50 0.26 -10.86
C GLU E 104 -27.71 0.16 -9.35
N LEU E 105 -28.78 -0.50 -8.94
CA LEU E 105 -29.05 -0.68 -7.53
C LEU E 105 -27.94 -1.53 -6.94
N GLU E 106 -27.64 -2.63 -7.63
CA GLU E 106 -26.68 -3.63 -7.20
C GLU E 106 -25.29 -3.04 -6.98
N ARG E 107 -24.89 -2.16 -7.88
CA ARG E 107 -23.53 -1.70 -7.86
C ARG E 107 -23.40 -0.69 -6.73
N LEU E 108 -24.48 0.00 -6.40
CA LEU E 108 -24.49 0.91 -5.25
C LEU E 108 -24.45 0.15 -3.93
N GLU E 109 -25.28 -0.90 -3.83
CA GLU E 109 -25.35 -1.75 -2.64
C GLU E 109 -24.00 -2.36 -2.37
N GLU E 110 -23.38 -2.93 -3.39
CA GLU E 110 -22.09 -3.57 -3.20
C GLU E 110 -21.04 -2.57 -2.74
N ALA E 111 -21.07 -1.38 -3.33
CA ALA E 111 -20.19 -0.30 -2.94
C ALA E 111 -20.44 0.12 -1.48
N CYS E 112 -21.69 0.36 -1.10
CA CYS E 112 -21.98 0.76 0.27
C CYS E 112 -21.48 -0.26 1.28
N ASP E 113 -21.69 -1.53 1.01
CA ASP E 113 -21.31 -2.56 1.95
C ASP E 113 -19.81 -2.59 2.11
N MET E 114 -19.14 -2.42 0.98
CA MET E 114 -17.69 -2.51 0.95
C MET E 114 -17.07 -1.33 1.71
N ALA E 115 -17.77 -0.21 1.72
CA ALA E 115 -17.25 0.99 2.32
C ALA E 115 -17.32 0.89 3.84
N LEU E 116 -18.44 0.37 4.34
CA LEU E 116 -18.62 0.09 5.75
C LEU E 116 -17.68 -0.98 6.28
N GLU E 117 -17.31 -1.93 5.43
CA GLU E 117 -16.35 -2.93 5.85
C GLU E 117 -14.97 -2.29 5.93
N LEU E 118 -14.71 -1.38 5.02
CA LEU E 118 -13.46 -0.65 5.03
C LEU E 118 -13.40 0.30 6.23
N ASN E 119 -14.54 0.89 6.58
CA ASN E 119 -14.57 1.72 7.75
C ASN E 119 -14.28 0.89 8.98
N ALA E 120 -14.88 -0.29 9.03
CA ALA E 120 -14.72 -1.16 10.17
C ALA E 120 -13.27 -1.55 10.34
N SER E 121 -12.64 -1.95 9.24
CA SER E 121 -11.29 -2.49 9.30
C SER E 121 -10.27 -1.40 9.53
N LYS E 122 -10.63 -0.16 9.20
CA LYS E 122 -9.74 0.96 9.44
C LYS E 122 -9.62 1.18 10.95
N HIS E 123 -10.76 1.29 11.63
CA HIS E 123 -10.76 1.52 13.08
C HIS E 123 -10.13 0.37 13.84
N ARG E 124 -10.20 -0.83 13.29
CA ARG E 124 -9.62 -1.97 13.97
C ARG E 124 -8.10 -1.96 13.85
N ILE E 125 -7.60 -1.38 12.75
CA ILE E 125 -6.16 -1.27 12.57
C ILE E 125 -5.61 -0.05 13.34
N TYR E 126 -6.42 0.99 13.51
CA TYR E 126 -6.03 2.09 14.37
C TYR E 126 -5.77 1.51 15.77
N GLU E 127 -6.79 0.86 16.33
CA GLU E 127 -6.71 0.31 17.68
C GLU E 127 -5.53 -0.62 17.90
N TYR E 128 -5.14 -1.38 16.89
CA TYR E 128 -4.01 -2.29 17.04
C TYR E 128 -2.72 -1.49 17.16
N VAL E 129 -2.57 -0.50 16.29
CA VAL E 129 -1.43 0.38 16.33
C VAL E 129 -1.36 1.13 17.67
N GLU E 130 -2.44 1.84 18.02
CA GLU E 130 -2.56 2.49 19.31
C GLU E 130 -2.15 1.59 20.45
N SER E 131 -2.70 0.38 20.48
CA SER E 131 -2.38 -0.54 21.55
C SER E 131 -0.88 -0.77 21.63
N ARG E 132 -0.30 -1.33 20.59
CA ARG E 132 1.13 -1.66 20.62
C ARG E 132 2.07 -0.48 20.91
N MET E 133 1.80 0.69 20.35
CA MET E 133 2.68 1.83 20.57
C MET E 133 2.64 2.29 22.03
N SER E 134 1.43 2.50 22.55
CA SER E 134 1.28 2.87 23.96
C SER E 134 1.93 1.82 24.85
N PHE E 135 2.06 0.59 24.37
CA PHE E 135 2.76 -0.41 25.15
C PHE E 135 4.27 -0.39 24.89
N ILE E 136 4.71 0.11 23.74
CA ILE E 136 6.14 0.04 23.39
C ILE E 136 6.92 1.28 23.81
N ALA E 137 6.29 2.42 23.63
CA ALA E 137 6.88 3.69 23.97
C ALA E 137 5.70 4.56 24.38
N PRO E 138 5.08 4.23 25.53
CA PRO E 138 3.93 4.97 26.05
C PRO E 138 4.20 6.46 26.10
N ASN E 139 5.36 6.86 26.61
CA ASN E 139 5.66 8.27 26.74
C ASN E 139 5.79 9.00 25.40
N LEU E 140 6.53 8.38 24.49
CA LEU E 140 6.74 8.90 23.13
C LEU E 140 5.43 9.01 22.35
N SER E 141 4.57 8.02 22.50
CA SER E 141 3.29 8.06 21.83
C SER E 141 2.46 9.26 22.28
N ILE E 142 2.54 9.59 23.56
CA ILE E 142 1.75 10.69 24.11
C ILE E 142 2.10 12.06 23.55
N ILE E 143 3.36 12.27 23.20
CA ILE E 143 3.78 13.57 22.69
C ILE E 143 3.31 13.74 21.25
N ILE E 144 3.71 12.81 20.38
CA ILE E 144 3.44 12.91 18.94
C ILE E 144 2.27 12.07 18.42
N GLY E 145 1.76 11.14 19.23
CA GLY E 145 0.72 10.26 18.75
C GLY E 145 1.34 8.97 18.21
N ALA E 146 0.57 7.89 18.27
CA ALA E 146 1.11 6.56 17.97
C ALA E 146 1.54 6.38 16.52
N SER E 147 0.82 7.02 15.61
CA SER E 147 1.12 6.84 14.20
C SER E 147 2.55 7.29 13.91
N THR E 148 2.79 8.58 14.15
CA THR E 148 4.12 9.16 13.98
C THR E 148 5.14 8.40 14.84
N ALA E 149 4.79 8.06 16.06
CA ALA E 149 5.64 7.22 16.90
C ALA E 149 6.08 5.93 16.19
N ALA E 150 5.14 5.29 15.50
CA ALA E 150 5.40 4.02 14.80
C ALA E 150 6.34 4.20 13.60
N LYS E 151 6.23 5.34 12.92
CA LYS E 151 7.06 5.65 11.78
C LYS E 151 8.49 5.95 12.19
N ILE E 152 8.65 6.84 13.16
CA ILE E 152 9.98 7.14 13.70
C ILE E 152 10.63 5.85 14.18
N MET E 153 9.85 5.07 14.91
CA MET E 153 10.28 3.81 15.45
C MET E 153 10.76 2.90 14.33
N GLY E 154 9.94 2.78 13.30
CA GLY E 154 10.22 1.91 12.18
C GLY E 154 11.51 2.24 11.45
N VAL E 155 11.72 3.52 11.16
CA VAL E 155 12.91 3.89 10.43
C VAL E 155 14.16 3.89 11.34
N ALA E 156 13.96 3.86 12.65
CA ALA E 156 15.10 3.86 13.56
C ALA E 156 15.56 2.43 13.75
N GLY E 157 14.66 1.51 13.45
CA GLY E 157 14.93 0.09 13.58
C GLY E 157 14.81 -0.38 15.01
N GLY E 158 13.81 0.12 15.73
CA GLY E 158 13.58 -0.31 17.09
C GLY E 158 13.75 0.81 18.08
N LEU E 159 13.16 0.65 19.25
CA LEU E 159 13.28 1.63 20.32
C LEU E 159 14.72 1.74 20.84
N THR E 160 15.36 0.60 21.05
CA THR E 160 16.73 0.62 21.53
C THR E 160 17.62 1.47 20.62
N ASN E 161 17.45 1.34 19.31
CA ASN E 161 18.29 2.09 18.38
C ASN E 161 17.92 3.56 18.35
N LEU E 162 16.67 3.84 18.64
CA LEU E 162 16.18 5.21 18.74
C LEU E 162 16.81 5.93 19.94
N SER E 163 16.79 5.28 21.09
CA SER E 163 17.28 5.87 22.33
C SER E 163 18.75 6.24 22.22
N LYS E 164 19.48 5.50 21.40
CA LYS E 164 20.90 5.78 21.22
C LYS E 164 21.20 6.90 20.22
N MET E 165 20.19 7.67 19.84
CA MET E 165 20.37 8.71 18.82
C MET E 165 20.33 10.11 19.41
N PRO E 166 21.08 11.04 18.80
CA PRO E 166 20.97 12.44 19.21
C PRO E 166 19.70 13.09 18.65
N ALA E 167 19.06 13.96 19.43
CA ALA E 167 17.84 14.63 18.99
C ALA E 167 17.89 15.25 17.58
N CYS E 168 19.06 15.74 17.17
CA CYS E 168 19.18 16.41 15.87
C CYS E 168 19.02 15.40 14.71
N ASN E 169 19.46 14.17 14.94
CA ASN E 169 19.29 13.09 13.98
C ASN E 169 17.90 12.48 14.06
N ILE E 170 17.23 12.69 15.19
CA ILE E 170 15.85 12.24 15.34
C ILE E 170 14.94 13.19 14.54
N MET E 171 15.16 14.49 14.69
CA MET E 171 14.42 15.49 13.91
C MET E 171 14.51 15.21 12.41
N LEU E 172 15.59 14.53 11.99
CA LEU E 172 15.86 14.27 10.56
C LEU E 172 15.32 12.92 10.06
N LEU E 173 14.90 12.06 10.98
CA LEU E 173 14.33 10.78 10.62
C LEU E 173 13.13 10.90 9.67
N GLY E 174 13.13 10.09 8.61
CA GLY E 174 12.05 10.08 7.64
C GLY E 174 12.12 11.20 6.62
N ALA E 175 13.33 11.59 6.21
CA ALA E 175 13.47 12.68 5.24
C ALA E 175 14.33 12.29 4.03
N SER E 187 9.67 21.03 -4.37
CA SER E 187 8.87 19.81 -4.23
C SER E 187 8.93 19.24 -2.81
N VAL E 188 10.07 19.37 -2.15
CA VAL E 188 10.21 18.90 -0.77
C VAL E 188 10.97 19.96 0.05
N LEU E 189 10.63 20.09 1.32
CA LEU E 189 11.34 21.02 2.21
C LEU E 189 12.59 20.39 2.83
N PRO E 190 13.73 21.09 2.77
CA PRO E 190 15.00 20.53 3.27
C PRO E 190 14.94 20.20 4.77
N HIS E 191 15.58 19.09 5.14
CA HIS E 191 15.74 18.73 6.54
C HIS E 191 14.43 18.71 7.35
N THR E 192 13.37 18.15 6.74
CA THR E 192 12.13 17.91 7.45
C THR E 192 11.74 16.43 7.35
N GLY E 193 11.56 15.80 8.50
CA GLY E 193 11.24 14.39 8.58
C GLY E 193 9.90 14.14 9.23
N TYR E 194 9.71 12.93 9.75
CA TYR E 194 8.44 12.58 10.37
C TYR E 194 7.97 13.61 11.42
N ILE E 195 8.84 14.03 12.33
CA ILE E 195 8.42 14.95 13.40
C ILE E 195 7.86 16.26 12.87
N TYR E 196 8.52 16.82 11.86
CA TYR E 196 8.06 18.06 11.25
C TYR E 196 6.64 17.92 10.66
N HIS E 197 6.36 16.76 10.06
CA HIS E 197 5.04 16.54 9.43
C HIS E 197 4.01 15.96 10.36
N SER E 198 4.37 15.73 11.62
CA SER E 198 3.41 15.25 12.61
C SER E 198 2.27 16.25 12.71
N ASP E 199 1.14 15.80 13.23
CA ASP E 199 0.00 16.69 13.40
C ASP E 199 0.37 17.83 14.32
N ILE E 200 1.03 17.47 15.42
CA ILE E 200 1.37 18.42 16.49
C ILE E 200 2.12 19.65 16.00
N VAL E 201 3.08 19.44 15.09
CA VAL E 201 3.84 20.53 14.48
C VAL E 201 3.06 21.23 13.36
N GLN E 202 2.30 20.45 12.60
CA GLN E 202 1.47 20.97 11.52
C GLN E 202 0.35 21.87 12.03
N SER E 203 -0.11 21.61 13.25
CA SER E 203 -1.12 22.47 13.84
C SER E 203 -0.66 23.94 13.82
N LEU E 204 0.65 24.17 13.98
CA LEU E 204 1.22 25.51 14.05
C LEU E 204 1.32 26.24 12.71
N PRO E 205 1.24 27.58 12.74
CA PRO E 205 1.52 28.48 11.62
C PRO E 205 2.87 28.15 11.02
N PRO E 206 3.00 28.25 9.69
CA PRO E 206 4.23 27.84 9.01
C PRO E 206 5.52 28.39 9.62
N ASP E 207 5.53 29.66 10.00
CA ASP E 207 6.75 30.27 10.51
C ASP E 207 7.30 29.62 11.80
N LEU E 208 6.40 29.20 12.69
CA LEU E 208 6.78 28.53 13.93
C LEU E 208 7.16 27.07 13.75
N ARG E 209 6.85 26.51 12.58
CA ARG E 209 6.98 25.06 12.42
C ARG E 209 8.40 24.53 12.67
N ARG E 210 9.39 25.09 12.00
CA ARG E 210 10.74 24.59 12.12
C ARG E 210 11.18 24.50 13.56
N LYS E 211 10.85 25.52 14.34
CA LYS E 211 11.25 25.58 15.74
C LYS E 211 10.45 24.63 16.61
N ALA E 212 9.18 24.46 16.26
CA ALA E 212 8.35 23.44 16.92
C ALA E 212 8.94 22.07 16.61
N ALA E 213 9.47 21.91 15.40
CA ALA E 213 10.13 20.66 15.05
C ALA E 213 11.36 20.42 15.93
N ARG E 214 12.21 21.44 16.10
CA ARG E 214 13.34 21.30 17.03
C ARG E 214 12.84 20.95 18.43
N LEU E 215 11.90 21.77 18.91
CA LEU E 215 11.37 21.58 20.25
C LEU E 215 10.83 20.15 20.42
N VAL E 216 9.87 19.77 19.60
CA VAL E 216 9.27 18.45 19.72
C VAL E 216 10.29 17.32 19.56
N ALA E 217 11.18 17.44 18.58
CA ALA E 217 12.24 16.45 18.42
C ALA E 217 13.12 16.31 19.69
N ALA E 218 13.48 17.43 20.33
CA ALA E 218 14.30 17.38 21.54
C ALA E 218 13.60 16.62 22.68
N LYS E 219 12.36 17.00 22.97
CA LYS E 219 11.56 16.36 24.01
C LYS E 219 11.18 14.90 23.69
N CYS E 220 11.07 14.58 22.41
CA CYS E 220 10.74 13.22 22.02
C CYS E 220 11.93 12.32 22.31
N THR E 221 13.13 12.84 22.05
CA THR E 221 14.36 12.11 22.33
C THR E 221 14.38 11.71 23.81
N LEU E 222 14.04 12.67 24.66
CA LEU E 222 13.95 12.42 26.08
C LEU E 222 12.95 11.30 26.39
N ALA E 223 11.69 11.48 25.98
CA ALA E 223 10.65 10.48 26.20
C ALA E 223 11.10 9.10 25.71
N ALA E 224 11.74 9.09 24.54
CA ALA E 224 12.28 7.84 24.02
C ALA E 224 13.23 7.19 25.03
N ARG E 225 14.17 7.97 25.55
CA ARG E 225 15.17 7.46 26.48
C ARG E 225 14.51 6.80 27.65
N VAL E 226 13.57 7.51 28.26
CA VAL E 226 12.82 6.98 29.39
C VAL E 226 12.07 5.69 29.04
N ASP E 227 11.36 5.69 27.90
CA ASP E 227 10.61 4.53 27.44
C ASP E 227 11.53 3.36 27.22
N SER E 228 12.76 3.64 26.80
CA SER E 228 13.73 2.58 26.55
C SER E 228 14.17 1.87 27.83
N PHE E 229 13.83 2.47 28.98
CA PHE E 229 14.19 1.88 30.27
C PHE E 229 12.89 1.53 30.99
N HIS E 230 11.81 1.51 30.22
CA HIS E 230 10.54 1.04 30.73
C HIS E 230 10.13 1.78 31.99
N GLU E 231 10.62 3.00 32.14
CA GLU E 231 10.17 3.84 33.22
C GLU E 231 8.95 4.65 32.78
N SER E 232 8.27 5.24 33.76
CA SER E 232 7.08 6.03 33.52
C SER E 232 6.13 5.32 32.57
N THR E 233 5.89 4.03 32.81
CA THR E 233 5.05 3.23 31.93
C THR E 233 3.63 3.77 31.78
N GLU E 234 3.15 4.49 32.78
CA GLU E 234 1.81 5.06 32.72
C GLU E 234 1.85 6.45 32.09
N GLY E 235 3.04 6.84 31.65
CA GLY E 235 3.22 8.03 30.84
C GLY E 235 3.22 9.36 31.56
N LYS E 236 3.71 9.40 32.80
CA LYS E 236 3.80 10.69 33.48
C LYS E 236 4.78 11.58 32.70
N VAL E 237 5.97 11.06 32.44
CA VAL E 237 7.01 11.83 31.76
C VAL E 237 6.48 12.49 30.48
N GLY E 238 5.77 11.71 29.66
CA GLY E 238 5.25 12.19 28.41
C GLY E 238 4.19 13.27 28.51
N TYR E 239 3.24 13.11 29.44
CA TYR E 239 2.22 14.12 29.63
C TYR E 239 2.87 15.40 30.12
N GLU E 240 3.90 15.27 30.96
CA GLU E 240 4.66 16.43 31.41
C GLU E 240 5.30 17.12 30.21
N LEU E 241 5.99 16.35 29.40
CA LEU E 241 6.69 16.93 28.27
C LEU E 241 5.71 17.55 27.30
N LYS E 242 4.56 16.90 27.12
CA LYS E 242 3.54 17.41 26.23
C LYS E 242 3.01 18.76 26.70
N ASP E 243 2.64 18.84 27.98
CA ASP E 243 2.11 20.08 28.53
C ASP E 243 3.16 21.18 28.49
N GLU E 244 4.42 20.79 28.63
CA GLU E 244 5.52 21.71 28.52
C GLU E 244 5.59 22.30 27.11
N ILE E 245 5.63 21.41 26.11
CA ILE E 245 5.60 21.80 24.70
C ILE E 245 4.40 22.68 24.33
N GLU E 246 3.20 22.24 24.69
CA GLU E 246 2.00 23.03 24.43
C GLU E 246 2.12 24.45 25.00
N ARG E 247 2.58 24.56 26.24
CA ARG E 247 2.78 25.87 26.84
C ARG E 247 3.62 26.78 25.95
N LYS E 248 4.83 26.35 25.66
CA LYS E 248 5.69 27.10 24.74
C LYS E 248 4.96 27.47 23.44
N PHE E 249 4.18 26.53 22.89
CA PHE E 249 3.42 26.83 21.67
C PHE E 249 2.49 27.99 21.93
N ASP E 250 1.71 27.90 23.00
CA ASP E 250 0.77 28.95 23.33
C ASP E 250 1.48 30.29 23.37
N LYS E 251 2.65 30.30 24.01
CA LYS E 251 3.41 31.53 24.14
C LYS E 251 3.86 32.09 22.79
N TRP E 252 4.54 31.27 21.98
CA TRP E 252 4.96 31.72 20.65
C TRP E 252 3.78 32.37 19.95
N GLN E 253 2.59 31.82 20.21
CA GLN E 253 1.29 32.30 19.74
C GLN E 253 0.48 31.21 19.02
S SO4 G . -19.13 3.96 -14.56
O1 SO4 G . -18.02 4.32 -15.45
O2 SO4 G . -20.40 4.17 -15.24
O3 SO4 G . -18.99 2.56 -14.16
O4 SO4 G . -19.09 4.80 -13.36
S SO4 H . 25.94 23.59 43.41
O1 SO4 H . 25.14 22.65 42.61
O2 SO4 H . 25.24 23.75 44.67
O3 SO4 H . 27.28 23.02 43.60
O4 SO4 H . 26.04 24.87 42.72
#